data_9OGC
#
_entry.id   9OGC
#
_cell.length_a   1.00
_cell.length_b   1.00
_cell.length_c   1.00
_cell.angle_alpha   90.00
_cell.angle_beta   90.00
_cell.angle_gamma   90.00
#
_symmetry.space_group_name_H-M   'P 1'
#
loop_
_entity.id
_entity.type
_entity.pdbx_description
1 polymer Exportin-1
2 polymer 'Ankyrin repeat and SOCS box protein 8'
3 polymer Elongin-C
4 polymer Elongin-B
5 non-polymer 'propan-2-yl 3-{3-[3-methoxy-5-(trifluoromethyl)phenyl]-1H-1,2,4-triazol-1-yl}propanoate'
#
loop_
_entity_poly.entity_id
_entity_poly.type
_entity_poly.pdbx_seq_one_letter_code
_entity_poly.pdbx_strand_id
1 'polypeptide(L)'
;GSMPAIMTMLADHAARQLLDFSQKLDINLLDNVVNCLYHGEGAQQRMAQEVLTHLKEHPDAWTRVDTILEFSQNMNTKYY
GLQILENVIKTRWKILPRNQCEGIKKYVVGLIIKTSSDPTCVEKEKVYIGKLNMILVQILKQEWPKHWPTFISDIVGASR
TSESLCQNNMVILKLLSEEVFDFSSGQITQVKSKHLKDSMCNEFSQIFQLCQFVMENSQNAPLVHATLETLLRFLNWIPL
GYIFETKLISTLIYKFLNVPMFRNVSLKCLTEIAGVSVSQYEEQFVTLFTLTMMQLKQMLPLNTNIRLAYSNGKDDEQNF
IQNLSLFLCTFLKEHDQLIEKRLNLRETLMEALHYMLLVSEVEETEIFKICLEYWNHLAAELYRESPFSTSASPLLSGSQ
HFDVPPRRQLYLPMLFKVRLLMVSRMAKPEEVLVVENDQGEVVREFMKDTDSINLYKNMRETLVYLTHLDYVDTERIMTE
KLHNQVNGTEWSWKNLNTLCWAIGSISGAMHEEDEKRFLVTVIKDLLGLCEQKRGKDNKAIIASNIMYIVGQYPRFLRAH
WKFLKTVVNKLFEFMHETHDGVQDMACDTFIKIAQKCRRHFVQVQVGEVMPFIDEILNNINTIICDLQPQQVHTFYEAVG
YMIGAQTDQTVQEHLIEKYMLLPNQVWDSIIQQATKNVDILKDPETVKQLGSILKTNVRACKAVGHPFVIQLGRIYLDML
NVYKCLSENISAAIQANGEMVTKQPLIRSMRTVKRETLKLISGWVSRSNDPQMVAENFVPPLLDAVLIDYQRNVPAAREP
EVLSTMAIIVNKLGGHITAEIPQIFDAVFECTLNMINKDFEEYPEHRTNFFLLLQAVNSHCFPAFLAIPPTQFKLVLDSI
IWAFKHTMRNVADTGLQILFTLLQNVAQEEAAAQSFYQTYFCDILQHIFSVVTDTSHTAGLTMHASILAYMFNLVEEGKI
STSLNPGNPVNNQIFLQEYVANLLKSAFPHLQDAQVKLFVTGLFSLNQDIPAFKEHLRDFLVQIKEFAGEDTSDLFLEER
EIALRQADEEKHKRQMSVPGIFNPHEIPEEMCD
;
A
2 'polypeptide(L)'
;GSSLSERLIRTIAAIRSFPHDNVEDLIRGGADVNCTHGTLKPLHCACMVSDADCVELLLEKGAEVNALDGYNRTALHYAA
EKDEACVEVLLEYGANPNALDGNRDTPLHWAAFKNNAECVRALLESGASVNALDYNNDTPLSWAAMKGNLESVSILLDYG
AEVRVINLIGQTPISRLVALLVRGLGTEKEDSCFELLHRAVGHFELRKNGTMPREVARDPQLCEKLTVLCSAPGTLKTLA
RYAVRRSLGLQYLPDAVKGLPLPASLKEYLLLLE
;
B
3 'polypeptide(L)'
;MMYVKLISSDGHEFIVKREHALTSGTIKAMLSGPGQFAENETNEVNFREIPSHVLSKVCMYFTYKVRYTNSSTEIPEFPI
APEIALELLMAANFLDC
;
E
4 'polypeptide(L)'
;MDVFLMIRRHKTTIFTDAKESSTVFELKRIVEGILKRPPDEQRLYKDDQLLDDGKTLGECGFTSQTARPQAPATVGLAFR
ADDTFEALCIEPFSSPPELPDVMKPQDSGSSANEQAVQ
;
F
#
loop_
_chem_comp.id
_chem_comp.type
_chem_comp.name
_chem_comp.formula
K85 non-polymer 'propan-2-yl 3-{3-[3-methoxy-5-(trifluoromethyl)phenyl]-1H-1,2,4-triazol-1-yl}propanoate' 'C16 H18 F3 N3 O3'
#
# COMPACT_ATOMS: atom_id res chain seq x y z
N ASN A 220 -22.89 16.39 60.64
CA ASN A 220 -22.49 14.99 60.62
C ASN A 220 -21.89 14.62 59.27
N ALA A 221 -21.30 13.43 59.19
CA ALA A 221 -20.65 13.01 57.94
C ALA A 221 -21.61 12.98 56.76
N PRO A 222 -22.79 12.36 56.84
CA PRO A 222 -23.68 12.38 55.67
C PRO A 222 -24.07 13.78 55.23
N LEU A 223 -24.31 14.69 56.18
CA LEU A 223 -24.64 16.06 55.82
C LEU A 223 -23.44 16.76 55.18
N VAL A 224 -22.23 16.47 55.67
CA VAL A 224 -21.04 17.05 55.05
C VAL A 224 -20.90 16.56 53.61
N HIS A 225 -21.13 15.27 53.38
CA HIS A 225 -21.05 14.74 52.02
C HIS A 225 -22.13 15.35 51.12
N ALA A 226 -23.33 15.54 51.67
CA ALA A 226 -24.39 16.19 50.90
C ALA A 226 -24.00 17.62 50.54
N THR A 227 -23.39 18.34 51.49
CA THR A 227 -22.92 19.69 51.20
C THR A 227 -21.84 19.69 50.14
N LEU A 228 -20.93 18.72 50.18
CA LEU A 228 -19.90 18.62 49.15
C LEU A 228 -20.51 18.37 47.79
N GLU A 229 -21.52 17.49 47.72
CA GLU A 229 -22.18 17.23 46.45
C GLU A 229 -22.92 18.48 45.96
N THR A 230 -23.54 19.22 46.87
CA THR A 230 -24.20 20.47 46.49
C THR A 230 -23.20 21.47 45.95
N LEU A 231 -22.03 21.56 46.58
CA LEU A 231 -20.97 22.43 46.08
C LEU A 231 -20.54 22.01 44.68
N LEU A 232 -20.36 20.70 44.47
CA LEU A 232 -20.03 20.21 43.13
C LEU A 232 -21.08 20.63 42.12
N ARG A 233 -22.36 20.49 42.48
CA ARG A 233 -23.44 20.88 41.57
C ARG A 233 -23.38 22.38 41.27
N PHE A 234 -23.17 23.21 42.29
CA PHE A 234 -23.23 24.65 42.15
C PHE A 234 -21.95 25.25 41.59
N LEU A 235 -20.84 24.50 41.57
CA LEU A 235 -19.58 25.06 41.09
C LEU A 235 -19.67 25.49 39.63
N ASN A 236 -20.62 24.95 38.87
CA ASN A 236 -20.73 25.30 37.45
C ASN A 236 -21.05 26.78 37.28
N TRP A 237 -21.98 27.31 38.06
CA TRP A 237 -22.44 28.68 37.90
C TRP A 237 -21.78 29.66 38.85
N ILE A 238 -21.47 29.25 40.08
CA ILE A 238 -20.85 30.13 41.06
C ILE A 238 -19.50 30.61 40.55
N VAL A 265 -14.31 11.79 45.41
CA VAL A 265 -15.05 12.81 44.67
C VAL A 265 -14.45 14.19 44.92
N SER A 266 -13.45 14.26 45.80
CA SER A 266 -12.80 15.54 46.08
C SER A 266 -12.10 16.07 44.83
N LEU A 267 -11.45 15.19 44.07
CA LEU A 267 -10.76 15.63 42.86
C LEU A 267 -11.73 16.26 41.87
N LYS A 268 -12.98 15.82 41.86
CA LYS A 268 -13.96 16.38 40.94
C LYS A 268 -14.16 17.87 41.20
N CYS A 269 -14.20 18.26 42.47
CA CYS A 269 -14.29 19.69 42.80
C CYS A 269 -13.09 20.44 42.24
N LEU A 270 -11.90 19.86 42.37
CA LEU A 270 -10.71 20.48 41.81
C LEU A 270 -10.70 20.42 40.29
N THR A 271 -11.32 19.39 39.71
CA THR A 271 -11.31 19.23 38.26
C THR A 271 -11.97 20.42 37.58
N GLU A 272 -13.11 20.88 38.10
CA GLU A 272 -13.83 21.99 37.49
C GLU A 272 -13.26 23.34 37.88
N ILE A 273 -12.35 23.41 38.86
CA ILE A 273 -11.75 24.68 39.24
C ILE A 273 -10.95 25.25 38.07
N ALA A 274 -10.15 24.42 37.42
CA ALA A 274 -9.33 24.87 36.29
C ALA A 274 -10.17 25.23 35.07
N GLY A 275 -11.43 24.84 35.03
CA GLY A 275 -12.28 25.12 33.88
C GLY A 275 -12.77 26.55 33.79
N VAL A 276 -12.50 27.36 34.81
CA VAL A 276 -12.93 28.76 34.79
C VAL A 276 -12.31 29.49 33.61
N SER A 277 -11.05 29.18 33.30
CA SER A 277 -10.33 29.82 32.20
C SER A 277 -10.22 31.32 32.43
N VAL A 278 -9.60 31.67 33.55
CA VAL A 278 -9.39 33.06 33.96
C VAL A 278 -7.89 33.28 34.11
N SER A 279 -7.36 34.28 33.41
CA SER A 279 -5.93 34.55 33.45
C SER A 279 -5.48 35.08 34.82
N GLN A 280 -6.39 35.63 35.61
CA GLN A 280 -6.04 36.16 36.91
C GLN A 280 -5.74 35.03 37.89
N TYR A 281 -5.31 35.41 39.09
CA TYR A 281 -5.01 34.45 40.16
C TYR A 281 -3.97 33.43 39.71
N GLU A 282 -2.96 33.89 38.97
CA GLU A 282 -1.93 32.99 38.48
C GLU A 282 -1.17 32.34 39.63
N GLU A 283 -0.75 33.14 40.61
CA GLU A 283 -0.03 32.58 41.75
C GLU A 283 -0.89 31.57 42.50
N GLN A 284 -2.17 31.86 42.66
CA GLN A 284 -3.08 30.89 43.27
C GLN A 284 -3.04 29.57 42.51
N PHE A 285 -3.40 29.59 41.22
CA PHE A 285 -3.45 28.37 40.43
C PHE A 285 -2.13 27.61 40.53
N VAL A 286 -1.01 28.32 40.54
CA VAL A 286 0.28 27.66 40.75
C VAL A 286 0.31 26.96 42.10
N THR A 287 -0.16 27.65 43.13
CA THR A 287 -0.08 27.09 44.48
C THR A 287 -0.93 25.83 44.62
N LEU A 288 -2.13 25.83 44.05
CA LEU A 288 -3.01 24.67 44.21
C LEU A 288 -2.37 23.41 43.63
N PHE A 289 -1.71 23.53 42.48
CA PHE A 289 -1.11 22.35 41.87
C PHE A 289 -0.03 21.75 42.77
N THR A 290 0.80 22.60 43.37
CA THR A 290 1.92 22.08 44.16
C THR A 290 1.45 21.26 45.35
N LEU A 291 0.44 21.77 46.08
CA LEU A 291 -0.01 21.07 47.28
C LEU A 291 -0.72 19.77 46.93
N THR A 292 -1.46 19.74 45.83
CA THR A 292 -2.20 18.54 45.45
C THR A 292 -1.24 17.41 45.11
N MET A 293 -0.26 17.67 44.25
CA MET A 293 0.65 16.61 43.83
C MET A 293 1.52 16.14 44.98
N MET A 294 1.89 17.03 45.90
CA MET A 294 2.68 16.63 47.06
C MET A 294 1.90 15.63 47.91
N GLN A 295 0.63 15.94 48.21
CA GLN A 295 -0.19 15.02 48.98
C GLN A 295 -0.39 13.71 48.21
N LEU A 296 -0.57 13.80 46.89
CA LEU A 296 -0.70 12.60 46.08
C LEU A 296 0.52 11.70 46.24
N LYS A 297 1.71 12.27 46.07
CA LYS A 297 2.93 11.51 46.23
C LYS A 297 3.03 10.93 47.63
N GLN A 298 2.58 11.69 48.64
CA GLN A 298 2.57 11.18 50.00
C GLN A 298 1.70 9.94 50.12
N MET A 299 0.52 9.96 49.50
CA MET A 299 -0.38 8.82 49.55
C MET A 299 -0.23 7.86 48.38
N LEU A 300 0.58 8.20 47.38
CA LEU A 300 0.79 7.32 46.23
C LEU A 300 2.11 7.65 45.54
N PRO A 301 3.20 6.97 45.88
CA PRO A 301 4.47 7.24 45.19
C PRO A 301 4.42 6.81 43.74
N LEU A 302 5.24 7.48 42.91
CA LEU A 302 5.25 7.19 41.48
C LEU A 302 5.81 5.79 41.21
N ASN A 303 6.69 5.29 42.08
CA ASN A 303 7.30 3.99 41.84
C ASN A 303 6.27 2.86 41.84
N THR A 304 5.08 3.10 42.38
CA THR A 304 4.06 2.07 42.40
C THR A 304 3.59 1.74 41.00
N ASN A 305 3.41 0.45 40.73
CA ASN A 305 2.86 -0.02 39.46
C ASN A 305 1.34 0.19 39.51
N ILE A 306 0.95 1.45 39.28
CA ILE A 306 -0.44 1.84 39.44
C ILE A 306 -1.34 1.11 38.45
N ARG A 307 -0.79 0.60 37.35
CA ARG A 307 -1.59 -0.20 36.43
C ARG A 307 -2.16 -1.42 37.15
N LEU A 308 -1.29 -2.16 37.84
CA LEU A 308 -1.75 -3.34 38.57
C LEU A 308 -2.69 -2.95 39.71
N ALA A 309 -2.42 -1.82 40.36
CA ALA A 309 -3.30 -1.36 41.43
C ALA A 309 -4.70 -1.09 40.92
N TYR A 310 -4.80 -0.41 39.77
CA TYR A 310 -6.10 -0.17 39.17
C TYR A 310 -6.75 -1.48 38.75
N SER A 311 -5.97 -2.40 38.20
CA SER A 311 -6.52 -3.69 37.81
C SER A 311 -7.13 -4.42 39.00
N ASN A 312 -6.44 -4.39 40.15
CA ASN A 312 -6.93 -5.03 41.36
C ASN A 312 -7.70 -4.08 42.26
N GLY A 313 -7.57 -2.77 42.07
CA GLY A 313 -8.26 -1.82 42.92
C GLY A 313 -9.76 -1.88 42.74
N LYS A 314 -10.47 -1.60 43.82
CA LYS A 314 -11.93 -1.58 43.81
C LYS A 314 -12.41 -0.28 43.16
N ASP A 315 -13.72 -0.04 43.22
CA ASP A 315 -14.28 1.14 42.55
C ASP A 315 -13.78 2.43 43.20
N ASP A 316 -13.64 2.44 44.53
CA ASP A 316 -13.29 3.68 45.22
C ASP A 316 -11.96 4.23 44.72
N GLU A 317 -10.94 3.38 44.62
CA GLU A 317 -9.64 3.85 44.17
C GLU A 317 -9.61 4.04 42.66
N GLN A 318 -10.32 3.19 41.90
CA GLN A 318 -10.34 3.34 40.46
C GLN A 318 -10.86 4.72 40.06
N ASN A 319 -11.95 5.15 40.69
CA ASN A 319 -12.44 6.51 40.47
C ASN A 319 -11.41 7.53 40.92
N PHE A 320 -10.64 7.24 41.96
CA PHE A 320 -9.60 8.17 42.40
C PHE A 320 -8.58 8.40 41.29
N ILE A 321 -8.05 7.32 40.71
CA ILE A 321 -7.09 7.47 39.62
C ILE A 321 -7.73 8.13 38.41
N GLN A 322 -8.99 7.80 38.11
CA GLN A 322 -9.64 8.40 36.96
C GLN A 322 -9.75 9.91 37.12
N ASN A 323 -10.24 10.37 38.28
CA ASN A 323 -10.35 11.80 38.54
C ASN A 323 -8.99 12.46 38.62
N LEU A 324 -7.99 11.75 39.14
CA LEU A 324 -6.63 12.27 39.16
C LEU A 324 -6.13 12.56 37.74
N SER A 325 -6.31 11.59 36.84
CA SER A 325 -5.91 11.79 35.45
C SER A 325 -6.69 12.94 34.83
N LEU A 326 -7.98 13.01 35.10
CA LEU A 326 -8.79 14.10 34.55
C LEU A 326 -8.26 15.44 34.99
N PHE A 327 -7.98 15.60 36.29
CA PHE A 327 -7.49 16.87 36.81
C PHE A 327 -6.13 17.21 36.21
N LEU A 328 -5.19 16.26 36.22
CA LEU A 328 -3.87 16.55 35.66
C LEU A 328 -3.98 16.97 34.21
N CYS A 329 -4.72 16.20 33.41
CA CYS A 329 -4.82 16.50 31.98
C CYS A 329 -5.47 17.87 31.76
N THR A 330 -6.57 18.14 32.47
CA THR A 330 -7.25 19.42 32.29
C THR A 330 -6.36 20.59 32.66
N PHE A 331 -5.74 20.53 33.85
CA PHE A 331 -4.91 21.63 34.29
C PHE A 331 -3.73 21.85 33.35
N LEU A 332 -3.08 20.77 32.91
CA LEU A 332 -1.97 20.93 31.99
C LEU A 332 -2.44 21.52 30.67
N LYS A 333 -3.56 21.02 30.13
CA LYS A 333 -4.09 21.56 28.89
C LYS A 333 -4.41 23.04 29.03
N GLU A 334 -4.78 23.48 30.24
CA GLU A 334 -5.11 24.88 30.47
C GLU A 334 -4.01 25.66 31.17
N HIS A 335 -3.10 24.99 31.89
CA HIS A 335 -2.14 25.71 32.72
C HIS A 335 -0.74 25.12 32.69
N ASP A 336 -0.43 24.23 31.73
CA ASP A 336 0.93 23.73 31.63
C ASP A 336 1.92 24.87 31.39
N GLN A 337 1.51 25.87 30.62
CA GLN A 337 2.38 27.03 30.40
C GLN A 337 2.73 27.72 31.70
N LEU A 338 1.82 27.74 32.67
CA LEU A 338 2.12 28.36 33.95
C LEU A 338 3.24 27.64 34.66
N ILE A 339 3.16 26.31 34.75
CA ILE A 339 4.14 25.55 35.51
C ILE A 339 5.49 25.53 34.81
N GLU A 340 5.48 25.38 33.49
CA GLU A 340 6.74 25.17 32.77
C GLU A 340 7.68 26.34 32.96
N LYS A 341 7.16 27.57 32.88
CA LYS A 341 8.01 28.74 33.08
C LYS A 341 8.55 28.83 34.50
N ARG A 342 7.91 28.14 35.45
CA ARG A 342 8.38 28.12 36.83
C ARG A 342 9.46 27.05 36.94
N LEU A 343 10.65 27.39 36.45
CA LEU A 343 11.77 26.46 36.52
C LEU A 343 12.06 26.05 37.95
N ASN A 344 11.70 26.89 38.92
CA ASN A 344 11.85 26.52 40.32
C ASN A 344 11.03 25.29 40.68
N LEU A 345 10.02 24.95 39.87
CA LEU A 345 9.17 23.80 40.10
C LEU A 345 9.26 22.80 38.94
N ARG A 346 10.43 22.70 38.33
CA ARG A 346 10.60 21.75 37.22
C ARG A 346 10.36 20.32 37.67
N GLU A 347 10.82 19.98 38.88
CA GLU A 347 10.57 18.65 39.40
C GLU A 347 9.08 18.35 39.47
N THR A 348 8.26 19.35 39.77
CA THR A 348 6.82 19.15 39.79
C THR A 348 6.31 18.73 38.42
N LEU A 349 6.78 19.42 37.37
CA LEU A 349 6.38 19.06 36.01
C LEU A 349 6.85 17.65 35.65
N MET A 350 8.09 17.31 36.05
CA MET A 350 8.60 15.99 35.76
C MET A 350 7.75 14.91 36.42
N GLU A 351 7.39 15.12 37.69
CA GLU A 351 6.55 14.14 38.37
C GLU A 351 5.16 14.07 37.75
N ALA A 352 4.60 15.21 37.36
CA ALA A 352 3.28 15.21 36.75
C ALA A 352 3.29 14.43 35.44
N LEU A 353 4.28 14.67 34.59
CA LEU A 353 4.33 13.95 33.33
C LEU A 353 4.64 12.47 33.55
N HIS A 354 5.45 12.15 34.56
CA HIS A 354 5.71 10.74 34.86
C HIS A 354 4.42 10.03 35.28
N TYR A 355 3.63 10.67 36.14
CA TYR A 355 2.30 10.15 36.45
C TYR A 355 1.49 9.99 35.18
N MET A 356 1.58 10.96 34.29
CA MET A 356 0.80 10.92 33.05
C MET A 356 1.16 9.69 32.22
N LEU A 357 2.45 9.39 32.12
CA LEU A 357 2.89 8.29 31.27
C LEU A 357 2.34 6.95 31.77
N LEU A 358 2.42 6.71 33.07
CA LEU A 358 2.08 5.39 33.61
C LEU A 358 0.59 5.12 33.63
N VAL A 359 -0.24 6.14 33.83
CA VAL A 359 -1.68 5.93 33.88
C VAL A 359 -2.20 5.46 32.53
N SER A 360 -1.62 5.97 31.43
CA SER A 360 -2.06 5.56 30.10
C SER A 360 -1.84 4.08 29.86
N GLU A 361 -0.98 3.43 30.63
CA GLU A 361 -0.81 1.98 30.50
C GLU A 361 -2.13 1.25 30.69
N VAL A 362 -3.05 1.84 31.46
CA VAL A 362 -4.30 1.16 31.78
C VAL A 362 -5.15 1.05 30.52
N GLU A 363 -5.79 -0.10 30.35
CA GLU A 363 -6.42 -0.43 29.07
C GLU A 363 -7.88 0.01 28.98
N GLU A 364 -8.56 0.25 30.10
CA GLU A 364 -9.95 0.68 30.03
C GLU A 364 -10.09 1.92 29.16
N THR A 365 -11.17 1.95 28.36
CA THR A 365 -11.26 2.90 27.26
C THR A 365 -11.28 4.35 27.75
N GLU A 366 -11.97 4.61 28.87
CA GLU A 366 -12.13 6.00 29.31
C GLU A 366 -10.78 6.63 29.65
N ILE A 367 -10.00 5.97 30.51
CA ILE A 367 -8.72 6.52 30.93
C ILE A 367 -7.78 6.66 29.74
N PHE A 368 -7.74 5.64 28.88
CA PHE A 368 -6.85 5.71 27.73
C PHE A 368 -7.26 6.83 26.78
N LYS A 369 -8.56 7.02 26.58
CA LYS A 369 -9.02 8.09 25.70
C LYS A 369 -8.65 9.45 26.26
N ILE A 370 -8.82 9.64 27.57
CA ILE A 370 -8.43 10.92 28.18
C ILE A 370 -6.93 11.15 28.01
N CYS A 371 -6.13 10.11 28.27
CA CYS A 371 -4.69 10.25 28.11
C CYS A 371 -4.31 10.55 26.67
N LEU A 372 -4.96 9.89 25.72
CA LEU A 372 -4.70 10.14 24.31
C LEU A 372 -5.05 11.56 23.94
N GLU A 373 -6.16 12.08 24.46
CA GLU A 373 -6.52 13.46 24.20
C GLU A 373 -5.43 14.41 24.70
N TYR A 374 -4.95 14.17 25.93
CA TYR A 374 -3.90 15.04 26.45
C TYR A 374 -2.63 14.94 25.61
N TRP A 375 -2.25 13.72 25.22
CA TRP A 375 -1.04 13.56 24.43
C TRP A 375 -1.17 14.22 23.06
N ASN A 376 -2.35 14.11 22.44
CA ASN A 376 -2.57 14.77 21.16
C ASN A 376 -2.48 16.28 21.30
N HIS A 377 -3.07 16.83 22.38
CA HIS A 377 -2.95 18.26 22.61
C HIS A 377 -1.50 18.67 22.78
N LEU A 378 -0.73 17.89 23.54
CA LEU A 378 0.68 18.22 23.74
C LEU A 378 1.45 18.18 22.43
N ALA A 379 1.21 17.15 21.61
CA ALA A 379 1.90 17.04 20.34
C ALA A 379 1.56 18.21 19.42
N ALA A 380 0.28 18.59 19.38
CA ALA A 380 -0.10 19.75 18.58
C ALA A 380 0.57 21.01 19.10
N GLU A 381 0.61 21.18 20.42
CA GLU A 381 1.21 22.38 21.00
C GLU A 381 2.68 22.48 20.64
N LEU A 382 3.44 21.41 20.86
CA LEU A 382 4.87 21.46 20.58
C LEU A 382 5.14 21.71 19.11
N TYR A 383 4.38 21.05 18.22
CA TYR A 383 4.55 21.27 16.80
C TYR A 383 4.24 22.71 16.40
N ARG A 384 3.42 23.41 17.19
CA ARG A 384 3.08 24.79 16.87
C ARG A 384 4.26 25.73 17.02
N GLU A 385 5.31 25.31 17.74
CA GLU A 385 6.46 26.19 17.91
C GLU A 385 7.13 26.47 16.57
N SER A 386 7.23 25.46 15.71
CA SER A 386 7.85 25.64 14.40
C SER A 386 7.48 24.48 13.47
N PRO A 406 12.96 25.84 21.93
CA PRO A 406 12.08 26.83 22.54
C PRO A 406 11.27 26.25 23.69
N ARG A 407 10.52 25.18 23.41
CA ARG A 407 9.77 24.47 24.43
C ARG A 407 9.98 22.96 24.42
N ARG A 408 10.39 22.37 23.30
CA ARG A 408 10.62 20.93 23.25
C ARG A 408 11.73 20.50 24.18
N GLN A 409 12.61 21.42 24.60
CA GLN A 409 13.68 21.05 25.52
C GLN A 409 13.14 20.51 26.82
N LEU A 410 11.91 20.89 27.19
CA LEU A 410 11.35 20.51 28.48
C LEU A 410 10.88 19.05 28.49
N TYR A 411 10.41 18.54 27.36
CA TYR A 411 9.84 17.20 27.29
C TYR A 411 10.61 16.25 26.40
N LEU A 412 11.56 16.73 25.60
CA LEU A 412 12.24 15.88 24.62
C LEU A 412 12.80 14.59 25.24
N PRO A 413 13.48 14.62 26.38
CA PRO A 413 13.99 13.36 26.94
C PRO A 413 12.90 12.36 27.27
N MET A 414 11.66 12.82 27.48
CA MET A 414 10.55 11.94 27.81
C MET A 414 9.64 11.65 26.62
N LEU A 415 9.74 12.42 25.54
CA LEU A 415 8.84 12.20 24.40
C LEU A 415 8.98 10.80 23.83
N PHE A 416 10.16 10.17 23.99
CA PHE A 416 10.35 8.85 23.42
C PHE A 416 9.31 7.88 23.94
N LYS A 417 9.11 7.83 25.25
CA LYS A 417 8.11 6.95 25.83
C LYS A 417 6.74 7.23 25.22
N VAL A 418 6.45 8.48 24.91
CA VAL A 418 5.19 8.82 24.26
C VAL A 418 5.09 8.12 22.91
N ARG A 419 6.18 8.14 22.13
CA ARG A 419 6.18 7.45 20.84
C ARG A 419 5.99 5.95 21.02
N LEU A 420 6.68 5.36 22.00
CA LEU A 420 6.54 3.92 22.22
C LEU A 420 5.10 3.56 22.56
N LEU A 421 4.48 4.34 23.44
CA LEU A 421 3.08 4.09 23.80
C LEU A 421 2.17 4.27 22.59
N MET A 422 2.40 5.32 21.80
CA MET A 422 1.52 5.61 20.68
C MET A 422 1.58 4.48 19.65
N VAL A 423 2.79 4.07 19.26
CA VAL A 423 2.92 2.97 18.31
C VAL A 423 2.43 1.67 18.93
N SER A 424 2.68 1.49 20.23
CA SER A 424 2.29 0.25 20.90
C SER A 424 0.78 0.07 20.90
N ARG A 425 0.03 1.14 21.16
CA ARG A 425 -1.42 1.06 21.34
C ARG A 425 -2.19 1.54 20.12
N MET A 426 -1.57 1.54 18.95
CA MET A 426 -2.24 2.04 17.75
C MET A 426 -3.53 1.26 17.49
N ALA A 427 -4.58 1.98 17.15
CA ALA A 427 -5.89 1.37 16.95
C ALA A 427 -5.99 0.77 15.55
N LYS A 428 -7.16 0.23 15.23
CA LYS A 428 -7.36 -0.44 13.96
C LYS A 428 -7.69 0.58 12.88
N PRO A 429 -6.91 0.67 11.80
CA PRO A 429 -7.30 1.53 10.68
C PRO A 429 -8.52 0.99 9.97
N GLU A 430 -9.26 1.90 9.33
CA GLU A 430 -10.46 1.53 8.59
C GLU A 430 -10.16 1.02 7.19
N GLU A 431 -8.90 0.68 6.90
CA GLU A 431 -8.50 0.21 5.58
C GLU A 431 -7.95 -1.21 5.62
N VAL A 432 -8.18 -1.93 6.71
CA VAL A 432 -7.69 -3.30 6.85
C VAL A 432 -8.81 -4.21 7.34
N THR A 450 -17.87 6.99 14.30
CA THR A 450 -18.19 6.56 15.66
C THR A 450 -16.98 6.72 16.58
N ASP A 451 -17.03 6.05 17.73
CA ASP A 451 -15.92 6.13 18.68
C ASP A 451 -14.63 5.62 18.07
N SER A 452 -14.70 4.51 17.33
CA SER A 452 -13.50 3.95 16.72
C SER A 452 -12.88 4.93 15.73
N ILE A 453 -13.71 5.58 14.92
CA ILE A 453 -13.19 6.51 13.92
C ILE A 453 -12.49 7.68 14.60
N ASN A 454 -13.11 8.24 15.63
CA ASN A 454 -12.51 9.36 16.35
C ASN A 454 -11.21 8.95 17.02
N LEU A 455 -11.19 7.76 17.63
CA LEU A 455 -9.98 7.27 18.27
C LEU A 455 -8.86 7.12 17.25
N TYR A 456 -9.17 6.54 16.09
CA TYR A 456 -8.17 6.35 15.05
C TYR A 456 -7.66 7.71 14.56
N LYS A 457 -8.56 8.68 14.39
CA LYS A 457 -8.15 9.98 13.89
C LYS A 457 -7.21 10.67 14.89
N ASN A 458 -7.58 10.65 16.17
CA ASN A 458 -6.71 11.25 17.18
C ASN A 458 -5.37 10.54 17.25
N MET A 459 -5.37 9.21 17.18
CA MET A 459 -4.13 8.45 17.18
C MET A 459 -3.24 8.87 16.03
N ARG A 460 -3.80 8.94 14.82
CA ARG A 460 -3.01 9.29 13.65
C ARG A 460 -2.47 10.70 13.75
N GLU A 461 -3.29 11.65 14.20
CA GLU A 461 -2.82 13.03 14.31
C GLU A 461 -1.68 13.13 15.32
N THR A 462 -1.84 12.49 16.48
CA THR A 462 -0.77 12.54 17.47
C THR A 462 0.50 11.90 16.93
N LEU A 463 0.36 10.75 16.27
CA LEU A 463 1.54 10.04 15.76
C LEU A 463 2.27 10.86 14.69
N VAL A 464 1.51 11.46 13.77
CA VAL A 464 2.15 12.23 12.71
C VAL A 464 2.82 13.48 13.30
N TYR A 465 2.18 14.13 14.27
CA TYR A 465 2.85 15.24 14.94
C TYR A 465 4.16 14.78 15.57
N LEU A 466 4.12 13.67 16.29
CA LEU A 466 5.30 13.22 17.03
C LEU A 466 6.44 12.85 16.07
N THR A 467 6.12 12.21 14.95
CA THR A 467 7.17 11.92 13.98
C THR A 467 7.68 13.18 13.33
N HIS A 468 6.81 14.16 13.08
CA HIS A 468 7.29 15.45 12.57
C HIS A 468 8.24 16.09 13.57
N LEU A 469 8.11 15.75 14.85
CA LEU A 469 9.07 16.28 15.83
C LEU A 469 10.45 15.66 15.67
N ASP A 470 10.52 14.34 15.48
CA ASP A 470 11.82 13.66 15.33
C ASP A 470 11.64 12.47 14.41
N TYR A 471 12.23 12.53 13.21
CA TYR A 471 12.16 11.42 12.27
C TYR A 471 13.05 10.26 12.69
N VAL A 472 14.28 10.55 13.09
CA VAL A 472 15.26 9.50 13.32
C VAL A 472 14.80 8.56 14.42
N ASP A 473 14.37 9.12 15.54
CA ASP A 473 14.02 8.28 16.68
C ASP A 473 12.81 7.40 16.38
N THR A 474 11.79 7.95 15.73
CA THR A 474 10.61 7.15 15.44
C THR A 474 10.91 6.08 14.40
N GLU A 475 11.71 6.41 13.38
CA GLU A 475 12.10 5.40 12.41
C GLU A 475 12.86 4.27 13.11
N ARG A 476 13.78 4.64 14.02
CA ARG A 476 14.51 3.65 14.77
C ARG A 476 13.58 2.77 15.59
N ILE A 477 12.56 3.38 16.21
CA ILE A 477 11.65 2.62 17.05
C ILE A 477 10.86 1.61 16.22
N MET A 478 10.31 2.04 15.08
CA MET A 478 9.60 1.08 14.24
C MET A 478 10.53 -0.03 13.78
N THR A 479 11.76 0.31 13.38
CA THR A 479 12.68 -0.72 12.93
C THR A 479 13.00 -1.71 14.04
N GLU A 480 13.22 -1.20 15.26
CA GLU A 480 13.54 -2.08 16.39
C GLU A 480 12.37 -3.02 16.70
N LYS A 481 11.15 -2.49 16.72
CA LYS A 481 10.00 -3.35 17.01
C LYS A 481 9.82 -4.39 15.92
N LEU A 482 9.96 -3.99 14.66
CA LEU A 482 9.82 -4.96 13.58
C LEU A 482 10.88 -6.05 13.69
N HIS A 483 12.11 -5.66 14.02
CA HIS A 483 13.15 -6.66 14.20
C HIS A 483 12.79 -7.62 15.33
N ASN A 484 12.36 -7.07 16.47
CA ASN A 484 11.97 -7.94 17.58
C ASN A 484 10.88 -8.91 17.15
N GLN A 485 9.97 -8.47 16.28
CA GLN A 485 9.01 -9.41 15.70
C GLN A 485 9.73 -10.47 14.88
N VAL A 486 10.75 -10.07 14.11
CA VAL A 486 11.57 -11.03 13.39
C VAL A 486 12.45 -11.80 14.37
N ASN A 487 12.87 -11.16 15.45
CA ASN A 487 13.81 -11.77 16.38
C ASN A 487 13.25 -13.01 17.05
N GLY A 488 11.93 -13.21 16.99
CA GLY A 488 11.26 -14.30 17.64
C GLY A 488 10.57 -13.90 18.93
N THR A 489 11.07 -12.86 19.58
CA THR A 489 10.40 -12.33 20.76
C THR A 489 9.14 -11.58 20.36
N GLU A 490 8.16 -11.56 21.27
CA GLU A 490 6.92 -10.81 21.09
C GLU A 490 6.36 -11.00 19.68
N TRP A 491 6.09 -12.26 19.34
CA TRP A 491 5.58 -12.60 18.01
C TRP A 491 4.05 -12.57 17.95
N SER A 492 3.37 -12.35 19.07
CA SER A 492 1.92 -12.30 19.09
C SER A 492 1.37 -11.53 17.90
N TRP A 493 0.38 -12.12 17.22
CA TRP A 493 -0.16 -11.50 16.01
C TRP A 493 -0.62 -10.08 16.26
N LYS A 494 -1.22 -9.83 17.42
CA LYS A 494 -1.70 -8.48 17.71
C LYS A 494 -0.56 -7.48 17.68
N ASN A 495 0.60 -7.86 18.20
CA ASN A 495 1.75 -6.96 18.17
C ASN A 495 2.15 -6.65 16.73
N LEU A 496 2.20 -7.67 15.87
CA LEU A 496 2.54 -7.44 14.47
C LEU A 496 1.54 -6.50 13.83
N ASN A 497 0.25 -6.73 14.07
CA ASN A 497 -0.77 -5.92 13.41
C ASN A 497 -0.73 -4.48 13.89
N THR A 498 -0.56 -4.26 15.20
CA THR A 498 -0.50 -2.88 15.69
C THR A 498 0.75 -2.19 15.17
N LEU A 499 1.88 -2.89 15.12
CA LEU A 499 3.10 -2.28 14.60
C LEU A 499 2.92 -1.90 13.13
N CYS A 500 2.30 -2.79 12.35
CA CYS A 500 2.13 -2.51 10.93
C CYS A 500 1.13 -1.38 10.70
N TRP A 501 0.09 -1.28 11.54
CA TRP A 501 -0.82 -0.14 11.46
C TRP A 501 -0.09 1.15 11.80
N ALA A 502 0.75 1.13 12.84
CA ALA A 502 1.51 2.33 13.18
C ALA A 502 2.43 2.74 12.05
N ILE A 503 3.04 1.78 11.38
CA ILE A 503 3.91 2.09 10.25
C ILE A 503 3.12 2.66 9.09
N GLY A 504 1.98 2.03 8.76
CA GLY A 504 1.22 2.46 7.60
C GLY A 504 0.58 3.82 7.78
N SER A 505 0.08 4.10 8.98
CA SER A 505 -0.64 5.35 9.23
C SER A 505 0.26 6.58 9.16
N ILE A 506 1.58 6.40 9.11
CA ILE A 506 2.51 7.52 9.13
C ILE A 506 2.85 7.91 7.70
N SER A 507 2.09 7.41 6.73
CA SER A 507 2.42 7.63 5.33
C SER A 507 2.51 9.11 5.02
N GLY A 508 3.59 9.50 4.34
CA GLY A 508 3.77 10.87 3.91
C GLY A 508 4.30 11.81 4.96
N ALA A 509 4.53 11.35 6.19
CA ALA A 509 5.03 12.23 7.22
C ALA A 509 6.51 12.56 7.04
N MET A 510 7.25 11.73 6.30
CA MET A 510 8.69 11.90 6.12
C MET A 510 9.00 12.39 4.72
N HIS A 511 10.20 12.94 4.57
CA HIS A 511 10.68 13.33 3.25
C HIS A 511 10.75 12.09 2.35
N GLU A 512 10.98 12.33 1.06
CA GLU A 512 10.98 11.23 0.11
C GLU A 512 12.10 10.23 0.42
N GLU A 513 13.34 10.72 0.54
CA GLU A 513 14.47 9.81 0.66
C GLU A 513 14.39 8.96 1.93
N ASP A 514 14.03 9.57 3.05
CA ASP A 514 13.88 8.82 4.28
C ASP A 514 12.78 7.77 4.13
N GLU A 515 11.72 8.12 3.41
CA GLU A 515 10.68 7.14 3.13
C GLU A 515 11.22 5.97 2.33
N LYS A 516 12.04 6.26 1.31
CA LYS A 516 12.64 5.18 0.54
C LYS A 516 13.41 4.25 1.46
N ARG A 517 14.30 4.80 2.27
CA ARG A 517 15.16 3.97 3.12
C ARG A 517 14.31 3.14 4.09
N PHE A 518 13.43 3.82 4.83
CA PHE A 518 12.66 3.14 5.87
C PHE A 518 11.75 2.07 5.27
N LEU A 519 11.07 2.39 4.17
CA LEU A 519 10.17 1.41 3.57
C LEU A 519 10.94 0.24 2.98
N VAL A 520 12.13 0.49 2.43
CA VAL A 520 12.94 -0.61 1.93
C VAL A 520 13.32 -1.54 3.07
N THR A 521 13.77 -0.97 4.20
CA THR A 521 14.13 -1.81 5.33
C THR A 521 12.94 -2.61 5.83
N VAL A 522 11.78 -1.97 5.93
CA VAL A 522 10.59 -2.65 6.44
C VAL A 522 10.17 -3.78 5.50
N ILE A 523 10.20 -3.53 4.19
CA ILE A 523 9.85 -4.57 3.24
C ILE A 523 10.81 -5.74 3.36
N LYS A 524 12.11 -5.45 3.46
CA LYS A 524 13.09 -6.51 3.62
C LYS A 524 12.77 -7.35 4.84
N ASP A 525 12.54 -6.70 5.98
CA ASP A 525 12.32 -7.44 7.22
C ASP A 525 11.05 -8.26 7.16
N LEU A 526 9.97 -7.70 6.59
CA LEU A 526 8.72 -8.45 6.52
C LEU A 526 8.84 -9.64 5.58
N LEU A 527 9.53 -9.46 4.45
CA LEU A 527 9.79 -10.60 3.57
C LEU A 527 10.58 -11.67 4.30
N GLY A 528 11.59 -11.26 5.08
CA GLY A 528 12.32 -12.23 5.88
C GLY A 528 11.42 -12.97 6.85
N LEU A 529 10.49 -12.25 7.48
CA LEU A 529 9.53 -12.90 8.37
C LEU A 529 8.70 -13.93 7.62
N CYS A 530 8.24 -13.59 6.42
CA CYS A 530 7.34 -14.49 5.71
C CYS A 530 8.01 -15.83 5.45
N GLU A 531 9.28 -15.81 5.07
CA GLU A 531 10.01 -17.07 4.88
C GLU A 531 10.23 -17.77 6.22
N GLN A 532 10.62 -17.03 7.24
CA GLN A 532 10.91 -17.64 8.54
C GLN A 532 9.68 -18.34 9.10
N LYS A 533 8.56 -17.63 9.18
CA LYS A 533 7.36 -18.20 9.78
C LYS A 533 6.77 -19.27 8.88
N ARG A 534 6.07 -20.22 9.50
CA ARG A 534 5.43 -21.31 8.81
C ARG A 534 3.98 -21.43 9.26
N GLY A 535 3.14 -21.93 8.38
CA GLY A 535 1.73 -22.06 8.67
C GLY A 535 0.90 -21.00 7.96
N LYS A 536 -0.09 -21.45 7.18
CA LYS A 536 -0.91 -20.51 6.43
C LYS A 536 -1.51 -19.44 7.33
N ASP A 537 -1.85 -19.81 8.57
CA ASP A 537 -2.36 -18.81 9.51
C ASP A 537 -1.34 -17.71 9.74
N ASN A 538 -0.07 -18.09 9.93
CA ASN A 538 0.97 -17.08 10.08
C ASN A 538 1.27 -16.39 8.75
N LYS A 539 1.25 -17.16 7.65
CA LYS A 539 1.49 -16.55 6.35
C LYS A 539 0.43 -15.52 6.02
N ALA A 540 -0.84 -15.88 6.23
CA ALA A 540 -1.93 -14.99 5.84
C ALA A 540 -1.85 -13.65 6.58
N ILE A 541 -1.60 -13.70 7.88
CA ILE A 541 -1.54 -12.45 8.66
C ILE A 541 -0.42 -11.57 8.14
N ILE A 542 0.74 -12.16 7.85
CA ILE A 542 1.86 -11.38 7.35
C ILE A 542 1.51 -10.78 5.99
N ALA A 543 0.81 -11.53 5.14
CA ALA A 543 0.46 -11.03 3.83
C ALA A 543 -0.44 -9.80 3.93
N SER A 544 -1.43 -9.85 4.82
CA SER A 544 -2.32 -8.71 4.98
C SER A 544 -1.55 -7.48 5.42
N ASN A 545 -0.62 -7.65 6.35
CA ASN A 545 0.17 -6.51 6.82
C ASN A 545 0.92 -5.86 5.68
N ILE A 546 1.64 -6.64 4.89
CA ILE A 546 2.45 -6.07 3.82
C ILE A 546 1.54 -5.41 2.79
N MET A 547 0.45 -6.08 2.40
CA MET A 547 -0.46 -5.48 1.44
C MET A 547 -0.98 -4.14 1.95
N TYR A 548 -1.26 -4.05 3.25
CA TYR A 548 -1.68 -2.77 3.81
C TYR A 548 -0.58 -1.72 3.71
N ILE A 549 0.65 -2.10 4.06
CA ILE A 549 1.75 -1.14 4.05
C ILE A 549 1.98 -0.62 2.64
N VAL A 550 2.06 -1.53 1.66
CA VAL A 550 2.28 -1.11 0.29
C VAL A 550 1.06 -0.36 -0.26
N GLY A 551 -0.13 -0.70 0.23
CA GLY A 551 -1.30 0.06 -0.15
C GLY A 551 -1.13 1.54 0.14
N GLN A 552 -0.60 1.86 1.31
CA GLN A 552 -0.18 3.22 1.60
C GLN A 552 1.12 3.51 0.83
N TYR A 553 1.68 4.68 1.09
CA TYR A 553 2.91 5.11 0.43
C TYR A 553 2.81 4.99 -1.09
N PRO A 554 1.83 5.63 -1.72
CA PRO A 554 1.79 5.60 -3.19
C PRO A 554 3.02 6.24 -3.82
N ARG A 555 3.64 7.22 -3.16
CA ARG A 555 4.79 7.90 -3.74
C ARG A 555 5.94 6.94 -3.98
N PHE A 556 6.34 6.20 -2.94
CA PHE A 556 7.45 5.28 -3.07
C PHE A 556 7.18 4.25 -4.16
N LEU A 557 6.02 3.58 -4.08
CA LEU A 557 5.67 2.60 -5.09
C LEU A 557 5.68 3.23 -6.48
N ARG A 558 5.37 4.52 -6.57
CA ARG A 558 5.37 5.19 -7.86
C ARG A 558 6.78 5.39 -8.39
N ALA A 559 7.71 5.75 -7.51
CA ALA A 559 9.08 6.03 -7.95
C ALA A 559 9.79 4.75 -8.42
N HIS A 560 9.50 3.63 -7.78
CA HIS A 560 10.17 2.36 -8.07
C HIS A 560 9.26 1.55 -8.99
N TRP A 561 9.51 1.64 -10.31
CA TRP A 561 8.65 0.95 -11.26
C TRP A 561 8.76 -0.56 -11.11
N LYS A 562 9.98 -1.09 -11.03
CA LYS A 562 10.15 -2.53 -10.99
C LYS A 562 9.51 -3.13 -9.75
N PHE A 563 9.69 -2.48 -8.60
CA PHE A 563 9.05 -2.97 -7.39
C PHE A 563 7.54 -2.93 -7.53
N LEU A 564 7.01 -1.90 -8.20
CA LEU A 564 5.58 -1.84 -8.42
C LEU A 564 5.10 -3.00 -9.28
N LYS A 565 5.85 -3.34 -10.33
CA LYS A 565 5.48 -4.47 -11.16
C LYS A 565 5.50 -5.77 -10.37
N THR A 566 6.54 -5.96 -9.55
CA THR A 566 6.60 -7.16 -8.73
C THR A 566 5.42 -7.21 -7.75
N VAL A 567 5.07 -6.06 -7.17
CA VAL A 567 3.94 -6.02 -6.24
C VAL A 567 2.67 -6.42 -6.96
N VAL A 568 2.43 -5.86 -8.15
CA VAL A 568 1.19 -6.15 -8.86
C VAL A 568 1.15 -7.63 -9.23
N ASN A 569 2.28 -8.20 -9.64
CA ASN A 569 2.31 -9.62 -9.95
C ASN A 569 1.99 -10.46 -8.71
N LYS A 570 2.54 -10.08 -7.56
CA LYS A 570 2.26 -10.82 -6.34
C LYS A 570 0.79 -10.74 -5.98
N LEU A 571 0.17 -9.56 -6.13
CA LEU A 571 -1.26 -9.45 -5.91
C LEU A 571 -2.05 -10.34 -6.86
N PHE A 572 -1.68 -10.36 -8.14
CA PHE A 572 -2.38 -11.23 -9.08
C PHE A 572 -2.27 -12.68 -8.65
N GLU A 573 -1.10 -13.07 -8.12
CA GLU A 573 -0.96 -14.43 -7.58
C GLU A 573 -1.89 -14.62 -6.38
N PHE A 574 -1.99 -13.61 -5.52
CA PHE A 574 -2.81 -13.73 -4.32
C PHE A 574 -4.28 -14.00 -4.64
N MET A 575 -4.78 -13.42 -5.73
CA MET A 575 -6.21 -13.49 -6.00
C MET A 575 -6.69 -14.93 -6.17
N HIS A 576 -5.78 -15.87 -6.42
CA HIS A 576 -6.12 -17.29 -6.42
C HIS A 576 -5.97 -17.93 -5.05
N GLU A 577 -5.61 -17.14 -4.03
CA GLU A 577 -5.46 -17.67 -2.69
C GLU A 577 -6.80 -18.14 -2.13
N THR A 578 -6.78 -19.23 -1.37
CA THR A 578 -8.02 -19.78 -0.84
C THR A 578 -8.56 -19.00 0.34
N HIS A 579 -7.68 -18.46 1.19
CA HIS A 579 -8.12 -17.76 2.39
C HIS A 579 -8.80 -16.45 1.99
N ASP A 580 -10.01 -16.23 2.52
CA ASP A 580 -10.83 -15.11 2.07
C ASP A 580 -10.20 -13.76 2.40
N GLY A 581 -9.68 -13.61 3.62
CA GLY A 581 -9.18 -12.32 4.03
C GLY A 581 -8.05 -11.82 3.14
N VAL A 582 -7.10 -12.70 2.83
CA VAL A 582 -5.97 -12.32 1.99
C VAL A 582 -6.47 -11.89 0.62
N GLN A 583 -7.43 -12.62 0.06
CA GLN A 583 -7.94 -12.33 -1.27
C GLN A 583 -8.63 -10.96 -1.31
N ASP A 584 -9.51 -10.72 -0.34
CA ASP A 584 -10.21 -9.44 -0.29
C ASP A 584 -9.23 -8.29 -0.09
N MET A 585 -8.27 -8.46 0.81
CA MET A 585 -7.28 -7.41 1.02
C MET A 585 -6.45 -7.19 -0.24
N ALA A 586 -6.17 -8.24 -0.99
CA ALA A 586 -5.43 -8.09 -2.23
C ALA A 586 -6.21 -7.24 -3.22
N CYS A 587 -7.51 -7.52 -3.38
CA CYS A 587 -8.31 -6.71 -4.30
C CYS A 587 -8.39 -5.26 -3.84
N ASP A 588 -8.57 -5.04 -2.54
CA ASP A 588 -8.63 -3.67 -2.04
C ASP A 588 -7.32 -2.92 -2.29
N THR A 589 -6.20 -3.58 -2.02
CA THR A 589 -4.91 -2.94 -2.26
C THR A 589 -4.70 -2.71 -3.75
N PHE A 590 -5.23 -3.58 -4.60
CA PHE A 590 -5.14 -3.34 -6.04
C PHE A 590 -5.89 -2.08 -6.42
N ILE A 591 -7.07 -1.86 -5.82
CA ILE A 591 -7.78 -0.60 -6.04
C ILE A 591 -6.90 0.57 -5.61
N LYS A 592 -6.36 0.48 -4.40
CA LYS A 592 -5.55 1.58 -3.87
C LYS A 592 -4.39 1.90 -4.79
N ILE A 593 -3.74 0.86 -5.34
CA ILE A 593 -2.61 1.07 -6.23
C ILE A 593 -3.06 1.66 -7.55
N ALA A 594 -4.14 1.14 -8.13
CA ALA A 594 -4.60 1.63 -9.42
C ALA A 594 -4.98 3.11 -9.34
N GLN A 595 -5.61 3.51 -8.24
CA GLN A 595 -6.07 4.89 -8.14
C GLN A 595 -4.91 5.88 -8.19
N LYS A 596 -3.81 5.58 -7.50
CA LYS A 596 -2.72 6.53 -7.35
C LYS A 596 -1.58 6.32 -8.34
N CYS A 597 -1.68 5.35 -9.24
CA CYS A 597 -0.62 5.10 -10.22
C CYS A 597 -1.23 4.80 -11.58
N ARG A 598 -2.28 5.53 -11.96
CA ARG A 598 -2.97 5.23 -13.20
C ARG A 598 -2.04 5.38 -14.41
N ARG A 599 -1.24 6.45 -14.43
CA ARG A 599 -0.45 6.75 -15.62
C ARG A 599 0.56 5.65 -15.93
N HIS A 600 1.24 5.14 -14.90
CA HIS A 600 2.38 4.26 -15.14
C HIS A 600 1.98 3.01 -15.91
N PHE A 601 0.74 2.55 -15.76
CA PHE A 601 0.33 1.31 -16.41
C PHE A 601 0.00 1.50 -17.89
N VAL A 602 -0.19 2.73 -18.35
CA VAL A 602 -0.55 2.99 -19.73
C VAL A 602 0.65 3.43 -20.56
N GLN A 603 1.54 4.24 -20.00
CA GLN A 603 2.74 4.61 -20.71
C GLN A 603 3.71 3.44 -20.78
N VAL A 604 4.58 3.46 -21.78
CA VAL A 604 5.62 2.44 -21.91
C VAL A 604 6.78 2.84 -21.02
N GLN A 605 7.13 1.96 -20.08
CA GLN A 605 8.10 2.29 -19.05
C GLN A 605 9.51 1.86 -19.47
N VAL A 606 10.50 2.38 -18.75
CA VAL A 606 11.89 2.10 -19.08
C VAL A 606 12.14 0.60 -18.98
N GLY A 607 12.83 0.06 -19.98
CA GLY A 607 13.13 -1.35 -20.01
C GLY A 607 11.99 -2.24 -20.43
N GLU A 608 10.86 -1.67 -20.84
CA GLU A 608 9.69 -2.42 -21.25
C GLU A 608 9.46 -2.26 -22.74
N VAL A 609 8.72 -3.21 -23.30
CA VAL A 609 8.36 -3.17 -24.71
C VAL A 609 6.97 -2.59 -24.92
N MET A 610 5.99 -3.12 -24.20
CA MET A 610 4.61 -2.64 -24.23
C MET A 610 4.19 -2.16 -22.85
N PRO A 611 3.25 -1.22 -22.78
CA PRO A 611 2.80 -0.74 -21.47
C PRO A 611 2.13 -1.86 -20.67
N PHE A 612 2.30 -1.80 -19.35
CA PHE A 612 1.86 -2.90 -18.51
C PHE A 612 0.35 -3.10 -18.57
N ILE A 613 -0.40 -2.06 -18.92
CA ILE A 613 -1.85 -2.21 -19.04
C ILE A 613 -2.18 -3.26 -20.10
N ASP A 614 -1.44 -3.26 -21.20
CA ASP A 614 -1.70 -4.25 -22.25
C ASP A 614 -1.42 -5.65 -21.73
N GLU A 615 -0.33 -5.83 -20.97
CA GLU A 615 -0.05 -7.13 -20.39
C GLU A 615 -1.17 -7.58 -19.47
N ILE A 616 -1.66 -6.68 -18.61
CA ILE A 616 -2.72 -7.04 -17.69
C ILE A 616 -3.98 -7.43 -18.45
N LEU A 617 -4.32 -6.66 -19.48
CA LEU A 617 -5.49 -6.99 -20.28
C LEU A 617 -5.32 -8.32 -21.00
N ASN A 618 -4.09 -8.69 -21.34
CA ASN A 618 -3.86 -9.97 -22.00
C ASN A 618 -4.19 -11.14 -21.09
N ASN A 619 -3.81 -11.05 -19.80
CA ASN A 619 -3.95 -12.15 -18.86
C ASN A 619 -5.12 -11.96 -17.91
N ILE A 620 -6.15 -11.24 -18.35
CA ILE A 620 -7.26 -10.93 -17.45
C ILE A 620 -8.05 -12.19 -17.11
N ASN A 621 -8.21 -13.10 -18.08
CA ASN A 621 -9.04 -14.28 -17.85
C ASN A 621 -8.54 -15.08 -16.66
N THR A 622 -7.24 -15.30 -16.57
CA THR A 622 -6.69 -16.17 -15.53
C THR A 622 -6.62 -15.47 -14.18
N ILE A 623 -6.36 -14.17 -14.17
CA ILE A 623 -6.16 -13.46 -12.90
C ILE A 623 -7.44 -13.47 -12.09
N ILE A 624 -8.56 -13.10 -12.72
CA ILE A 624 -9.81 -12.94 -11.98
C ILE A 624 -10.37 -14.26 -11.50
N CYS A 625 -9.94 -15.38 -12.07
CA CYS A 625 -10.53 -16.66 -11.73
C CYS A 625 -10.45 -16.90 -10.22
N ASP A 626 -11.54 -17.44 -9.67
CA ASP A 626 -11.68 -17.72 -8.25
C ASP A 626 -11.94 -16.47 -7.42
N LEU A 627 -12.43 -15.40 -8.03
CA LEU A 627 -12.84 -14.19 -7.32
C LEU A 627 -14.37 -14.14 -7.27
N GLN A 628 -14.90 -13.70 -6.13
CA GLN A 628 -16.34 -13.52 -6.00
C GLN A 628 -16.79 -12.32 -6.82
N PRO A 629 -18.07 -12.29 -7.22
CA PRO A 629 -18.52 -11.23 -8.14
C PRO A 629 -18.19 -9.83 -7.66
N GLN A 630 -18.32 -9.55 -6.36
CA GLN A 630 -17.91 -8.25 -5.85
C GLN A 630 -16.43 -8.01 -6.09
N GLN A 631 -15.62 -9.06 -5.93
CA GLN A 631 -14.19 -8.93 -6.21
C GLN A 631 -13.94 -8.68 -7.69
N VAL A 632 -14.72 -9.31 -8.57
CA VAL A 632 -14.57 -9.05 -9.99
C VAL A 632 -14.91 -7.60 -10.31
N HIS A 633 -15.98 -7.07 -9.70
CA HIS A 633 -16.33 -5.67 -9.91
C HIS A 633 -15.21 -4.77 -9.42
N THR A 634 -14.62 -5.09 -8.27
CA THR A 634 -13.50 -4.31 -7.76
C THR A 634 -12.34 -4.33 -8.74
N PHE A 635 -12.01 -5.51 -9.27
CA PHE A 635 -10.88 -5.63 -10.19
C PHE A 635 -11.12 -4.83 -11.46
N TYR A 636 -12.32 -4.93 -12.03
CA TYR A 636 -12.62 -4.16 -13.23
C TYR A 636 -12.63 -2.66 -12.96
N GLU A 637 -13.07 -2.24 -11.78
CA GLU A 637 -12.99 -0.83 -11.43
C GLU A 637 -11.53 -0.37 -11.39
N ALA A 638 -10.66 -1.20 -10.81
CA ALA A 638 -9.24 -0.87 -10.81
C ALA A 638 -8.72 -0.71 -12.24
N VAL A 639 -9.03 -1.68 -13.11
CA VAL A 639 -8.54 -1.60 -14.48
C VAL A 639 -9.08 -0.36 -15.16
N GLY A 640 -10.36 -0.05 -14.95
CA GLY A 640 -10.91 1.16 -15.54
C GLY A 640 -10.16 2.40 -15.09
N TYR A 641 -9.89 2.51 -13.79
CA TYR A 641 -9.07 3.62 -13.31
C TYR A 641 -7.74 3.65 -14.07
N MET A 642 -7.19 2.47 -14.35
CA MET A 642 -5.90 2.41 -15.04
C MET A 642 -6.01 2.90 -16.47
N ILE A 643 -7.12 2.59 -17.16
CA ILE A 643 -7.27 2.99 -18.56
C ILE A 643 -7.62 4.46 -18.72
N GLY A 644 -7.97 5.15 -17.65
CA GLY A 644 -8.40 6.53 -17.75
C GLY A 644 -7.27 7.52 -18.00
N ALA A 645 -6.02 7.08 -17.94
CA ALA A 645 -4.89 7.97 -18.18
C ALA A 645 -4.43 7.97 -19.63
N GLN A 646 -4.98 7.12 -20.48
CA GLN A 646 -4.55 7.04 -21.88
C GLN A 646 -5.10 8.25 -22.63
N THR A 647 -4.29 9.31 -22.71
CA THR A 647 -4.75 10.53 -23.35
C THR A 647 -4.98 10.34 -24.84
N ASP A 648 -4.09 9.63 -25.52
CA ASP A 648 -4.23 9.46 -26.96
C ASP A 648 -5.54 8.78 -27.28
N GLN A 649 -6.29 9.35 -28.23
CA GLN A 649 -7.66 8.91 -28.46
C GLN A 649 -7.71 7.46 -28.94
N THR A 650 -6.97 7.15 -30.01
CA THR A 650 -7.08 5.82 -30.60
C THR A 650 -6.55 4.74 -29.66
N VAL A 651 -5.46 5.03 -28.95
CA VAL A 651 -4.92 4.07 -27.99
C VAL A 651 -5.97 3.75 -26.94
N GLN A 652 -6.62 4.78 -26.40
CA GLN A 652 -7.68 4.55 -25.41
C GLN A 652 -8.84 3.80 -26.03
N GLU A 653 -9.17 4.09 -27.29
CA GLU A 653 -10.24 3.37 -27.96
C GLU A 653 -9.98 1.88 -27.95
N HIS A 654 -8.78 1.48 -28.39
CA HIS A 654 -8.46 0.06 -28.44
C HIS A 654 -8.34 -0.54 -27.04
N LEU A 655 -7.78 0.22 -26.09
CA LEU A 655 -7.68 -0.27 -24.72
C LEU A 655 -9.06 -0.56 -24.16
N ILE A 656 -10.02 0.31 -24.40
CA ILE A 656 -11.37 0.09 -23.89
C ILE A 656 -12.03 -1.06 -24.63
N GLU A 657 -11.83 -1.15 -25.95
CA GLU A 657 -12.46 -2.22 -26.70
C GLU A 657 -11.98 -3.59 -26.22
N LYS A 658 -10.68 -3.73 -25.97
CA LYS A 658 -10.19 -4.98 -25.37
C LYS A 658 -10.68 -5.13 -23.94
N TYR A 659 -10.70 -4.04 -23.18
CA TYR A 659 -11.01 -4.11 -21.76
C TYR A 659 -12.37 -4.76 -21.53
N MET A 660 -13.38 -4.32 -22.26
CA MET A 660 -14.73 -4.86 -22.11
C MET A 660 -14.96 -6.08 -22.99
N LEU A 661 -13.89 -6.73 -23.44
CA LEU A 661 -14.05 -7.87 -24.34
C LEU A 661 -14.85 -8.98 -23.68
N LEU A 662 -14.48 -9.37 -22.46
CA LEU A 662 -15.17 -10.48 -21.81
C LEU A 662 -16.59 -10.10 -21.38
N PRO A 663 -16.82 -9.00 -20.66
CA PRO A 663 -18.21 -8.63 -20.36
C PRO A 663 -19.04 -8.45 -21.61
N ASN A 664 -18.48 -7.84 -22.65
CA ASN A 664 -19.26 -7.60 -23.85
C ASN A 664 -19.59 -8.90 -24.57
N GLN A 665 -18.65 -9.83 -24.62
CA GLN A 665 -18.94 -11.10 -25.28
C GLN A 665 -19.98 -11.90 -24.52
N VAL A 666 -19.92 -11.89 -23.18
CA VAL A 666 -20.96 -12.56 -22.42
C VAL A 666 -22.30 -11.88 -22.66
N TRP A 667 -22.33 -10.54 -22.68
CA TRP A 667 -23.57 -9.84 -22.95
C TRP A 667 -24.12 -10.20 -24.32
N ASP A 668 -23.25 -10.26 -25.33
CA ASP A 668 -23.71 -10.60 -26.67
C ASP A 668 -24.25 -12.02 -26.72
N SER A 669 -23.62 -12.93 -25.98
CA SER A 669 -24.17 -14.28 -25.88
C SER A 669 -25.57 -14.27 -25.29
N ILE A 670 -25.76 -13.49 -24.22
CA ILE A 670 -27.08 -13.39 -23.61
C ILE A 670 -28.09 -12.83 -24.60
N ILE A 671 -27.70 -11.76 -25.31
CA ILE A 671 -28.61 -11.13 -26.26
C ILE A 671 -28.97 -12.09 -27.37
N GLN A 672 -28.00 -12.83 -27.89
CA GLN A 672 -28.28 -13.81 -28.93
C GLN A 672 -29.25 -14.87 -28.42
N GLN A 673 -29.01 -15.38 -27.21
CA GLN A 673 -29.90 -16.38 -26.66
C GLN A 673 -31.32 -15.83 -26.51
N ALA A 674 -31.44 -14.57 -26.07
CA ALA A 674 -32.74 -13.94 -25.98
C ALA A 674 -33.39 -13.84 -27.36
N THR A 675 -32.58 -13.51 -28.38
CA THR A 675 -33.11 -13.43 -29.74
C THR A 675 -33.68 -14.77 -30.19
N LYS A 676 -32.98 -15.87 -29.84
CA LYS A 676 -33.53 -17.18 -30.17
C LYS A 676 -34.87 -17.39 -29.49
N ASN A 677 -34.98 -17.00 -28.22
CA ASN A 677 -36.24 -17.08 -27.49
C ASN A 677 -36.19 -16.09 -26.34
N VAL A 678 -37.29 -15.36 -26.14
CA VAL A 678 -37.33 -14.35 -25.10
C VAL A 678 -37.41 -14.98 -23.71
N ASP A 679 -37.76 -16.26 -23.63
CA ASP A 679 -37.98 -16.89 -22.33
C ASP A 679 -36.71 -16.97 -21.49
N ILE A 680 -35.54 -16.80 -22.09
CA ILE A 680 -34.28 -16.90 -21.36
C ILE A 680 -34.09 -15.74 -20.39
N LEU A 681 -34.98 -14.76 -20.40
CA LEU A 681 -34.92 -13.68 -19.41
C LEU A 681 -35.60 -14.06 -18.10
N LYS A 682 -36.35 -15.17 -18.06
CA LYS A 682 -36.98 -15.63 -16.84
C LYS A 682 -36.07 -16.54 -16.00
N ASP A 683 -34.94 -16.95 -16.55
CA ASP A 683 -34.02 -17.79 -15.79
C ASP A 683 -33.35 -16.96 -14.71
N PRO A 684 -33.41 -17.37 -13.43
CA PRO A 684 -32.70 -16.62 -12.40
C PRO A 684 -31.21 -16.49 -12.69
N GLU A 685 -30.61 -17.53 -13.24
CA GLU A 685 -29.18 -17.47 -13.57
C GLU A 685 -28.91 -16.37 -14.58
N THR A 686 -29.73 -16.30 -15.64
CA THR A 686 -29.51 -15.31 -16.68
C THR A 686 -29.69 -13.90 -16.11
N VAL A 687 -30.71 -13.68 -15.29
CA VAL A 687 -30.94 -12.36 -14.72
C VAL A 687 -29.78 -11.97 -13.82
N LYS A 688 -29.31 -12.90 -12.99
CA LYS A 688 -28.17 -12.62 -12.13
C LYS A 688 -26.94 -12.28 -12.95
N GLN A 689 -26.70 -13.02 -14.03
CA GLN A 689 -25.53 -12.77 -14.86
C GLN A 689 -25.63 -11.40 -15.52
N LEU A 690 -26.81 -11.04 -16.02
CA LEU A 690 -26.99 -9.72 -16.61
C LEU A 690 -26.76 -8.62 -15.59
N GLY A 691 -27.27 -8.82 -14.36
CA GLY A 691 -27.00 -7.85 -13.31
C GLY A 691 -25.52 -7.71 -13.04
N SER A 692 -24.80 -8.83 -13.02
CA SER A 692 -23.35 -8.77 -12.83
C SER A 692 -22.67 -8.00 -13.95
N ILE A 693 -23.07 -8.28 -15.19
CA ILE A 693 -22.45 -7.61 -16.34
C ILE A 693 -22.71 -6.11 -16.25
N LEU A 694 -23.95 -5.72 -15.96
CA LEU A 694 -24.27 -4.30 -15.90
C LEU A 694 -23.59 -3.62 -14.72
N LYS A 695 -23.42 -4.34 -13.60
CA LYS A 695 -22.66 -3.76 -12.49
C LYS A 695 -21.21 -3.54 -12.88
N THR A 696 -20.61 -4.52 -13.57
CA THR A 696 -19.26 -4.32 -14.09
C THR A 696 -19.20 -3.09 -14.98
N ASN A 697 -20.18 -2.95 -15.88
CA ASN A 697 -20.21 -1.81 -16.78
C ASN A 697 -20.35 -0.50 -16.00
N VAL A 698 -21.17 -0.50 -14.95
CA VAL A 698 -21.36 0.69 -14.15
C VAL A 698 -20.05 1.10 -13.49
N ARG A 699 -19.35 0.13 -12.91
CA ARG A 699 -18.06 0.44 -12.29
C ARG A 699 -17.07 0.94 -13.33
N ALA A 700 -17.06 0.31 -14.51
CA ALA A 700 -16.17 0.74 -15.58
C ALA A 700 -16.47 2.18 -15.99
N CYS A 701 -17.75 2.53 -16.12
CA CYS A 701 -18.12 3.88 -16.48
C CYS A 701 -17.72 4.87 -15.40
N LYS A 702 -17.89 4.49 -14.13
CA LYS A 702 -17.48 5.36 -13.04
C LYS A 702 -15.98 5.63 -13.10
N ALA A 703 -15.20 4.60 -13.43
CA ALA A 703 -13.75 4.78 -13.47
C ALA A 703 -13.31 5.55 -14.72
N VAL A 704 -13.89 5.25 -15.87
CA VAL A 704 -13.37 5.73 -17.15
C VAL A 704 -13.87 7.14 -17.43
N GLY A 705 -15.18 7.29 -17.60
CA GLY A 705 -15.76 8.58 -17.92
C GLY A 705 -16.31 8.66 -19.32
N HIS A 706 -16.29 9.87 -19.90
CA HIS A 706 -16.88 10.09 -21.22
C HIS A 706 -16.34 9.13 -22.28
N PRO A 707 -15.04 8.86 -22.37
CA PRO A 707 -14.55 7.98 -23.44
C PRO A 707 -15.22 6.62 -23.43
N PHE A 708 -15.91 6.30 -22.34
CA PHE A 708 -16.66 5.05 -22.24
C PHE A 708 -17.82 4.97 -23.22
N VAL A 709 -18.19 6.09 -23.86
CA VAL A 709 -19.38 6.10 -24.71
C VAL A 709 -19.32 5.01 -25.77
N ILE A 710 -18.12 4.57 -26.14
CA ILE A 710 -18.00 3.56 -27.19
C ILE A 710 -18.64 2.25 -26.74
N GLN A 711 -18.26 1.78 -25.56
CA GLN A 711 -18.88 0.56 -25.03
C GLN A 711 -20.38 0.78 -24.80
N LEU A 712 -20.73 1.90 -24.18
CA LEU A 712 -22.14 2.22 -24.00
C LEU A 712 -22.85 2.30 -25.34
N GLY A 713 -22.21 2.95 -26.32
CA GLY A 713 -22.77 2.94 -27.66
C GLY A 713 -22.84 1.57 -28.26
N ARG A 714 -22.01 0.64 -27.79
CA ARG A 714 -22.06 -0.72 -28.30
C ARG A 714 -23.25 -1.50 -27.76
N ILE A 715 -23.56 -1.34 -26.47
CA ILE A 715 -24.59 -2.16 -25.83
C ILE A 715 -25.86 -1.38 -25.54
N TYR A 716 -26.00 -0.14 -26.02
CA TYR A 716 -27.12 0.68 -25.59
C TYR A 716 -28.45 0.12 -26.08
N LEU A 717 -28.54 -0.17 -27.38
CA LEU A 717 -29.82 -0.59 -27.94
C LEU A 717 -30.34 -1.84 -27.25
N ASP A 718 -29.51 -2.88 -27.16
CA ASP A 718 -29.92 -4.11 -26.49
C ASP A 718 -30.17 -3.86 -25.01
N MET A 719 -29.43 -2.94 -24.40
CA MET A 719 -29.68 -2.61 -23.00
C MET A 719 -31.12 -2.15 -22.81
N LEU A 720 -31.58 -1.23 -23.66
CA LEU A 720 -32.94 -0.73 -23.54
C LEU A 720 -33.96 -1.79 -23.92
N ASN A 721 -33.65 -2.64 -24.92
CA ASN A 721 -34.59 -3.71 -25.26
C ASN A 721 -34.79 -4.65 -24.09
N VAL A 722 -33.71 -5.07 -23.43
CA VAL A 722 -33.84 -5.95 -22.29
C VAL A 722 -34.51 -5.21 -21.14
N TYR A 723 -34.26 -3.92 -20.98
CA TYR A 723 -34.99 -3.14 -19.99
C TYR A 723 -36.48 -3.25 -20.21
N LYS A 724 -36.92 -3.05 -21.46
CA LYS A 724 -38.35 -3.13 -21.77
C LYS A 724 -38.90 -4.51 -21.46
N CYS A 725 -38.17 -5.56 -21.88
CA CYS A 725 -38.67 -6.92 -21.66
C CYS A 725 -38.80 -7.23 -20.18
N LEU A 726 -37.78 -6.88 -19.39
CA LEU A 726 -37.83 -7.14 -17.95
C LEU A 726 -38.95 -6.35 -17.29
N SER A 727 -39.12 -5.08 -17.68
CA SER A 727 -40.19 -4.28 -17.11
C SER A 727 -41.55 -4.92 -17.41
N GLU A 728 -41.75 -5.36 -18.65
CA GLU A 728 -43.01 -6.00 -18.99
C GLU A 728 -43.23 -7.26 -18.17
N ASN A 729 -42.17 -8.06 -18.00
CA ASN A 729 -42.32 -9.30 -17.25
C ASN A 729 -42.66 -9.04 -15.78
N ILE A 730 -42.00 -8.06 -15.15
CA ILE A 730 -42.31 -7.76 -13.76
C ILE A 730 -43.72 -7.21 -13.65
N SER A 731 -44.15 -6.41 -14.63
CA SER A 731 -45.52 -5.92 -14.61
C SER A 731 -46.53 -7.07 -14.69
N ALA A 732 -46.27 -8.03 -15.57
CA ALA A 732 -47.16 -9.18 -15.69
C ALA A 732 -47.18 -9.99 -14.39
N ALA A 733 -46.02 -10.17 -13.77
CA ALA A 733 -45.97 -10.92 -12.52
C ALA A 733 -46.76 -10.20 -11.43
N ILE A 734 -46.61 -8.89 -11.31
CA ILE A 734 -47.36 -8.14 -10.32
C ILE A 734 -48.86 -8.26 -10.60
N GLN A 735 -49.25 -8.13 -11.86
CA GLN A 735 -50.67 -8.21 -12.21
C GLN A 735 -51.24 -9.56 -11.85
N ALA A 736 -50.52 -10.64 -12.16
CA ALA A 736 -51.03 -11.98 -11.89
C ALA A 736 -51.04 -12.29 -10.41
N ASN A 737 -50.08 -11.78 -9.65
CA ASN A 737 -49.94 -12.09 -8.24
C ASN A 737 -50.38 -10.95 -7.33
N GLY A 738 -49.84 -9.76 -7.52
CA GLY A 738 -50.13 -8.61 -6.68
C GLY A 738 -48.85 -7.96 -6.22
N GLU A 739 -48.94 -7.20 -5.14
CA GLU A 739 -47.79 -6.48 -4.62
C GLU A 739 -46.92 -7.33 -3.70
N MET A 740 -47.37 -8.53 -3.32
CA MET A 740 -46.58 -9.37 -2.44
C MET A 740 -45.41 -10.01 -3.17
N VAL A 741 -45.58 -10.33 -4.46
CA VAL A 741 -44.56 -11.03 -5.22
C VAL A 741 -43.28 -10.21 -5.37
N THR A 742 -43.29 -8.94 -4.98
CA THR A 742 -42.09 -8.12 -5.08
C THR A 742 -40.94 -8.67 -4.26
N LYS A 743 -41.22 -9.53 -3.29
CA LYS A 743 -40.17 -10.13 -2.47
C LYS A 743 -39.54 -11.37 -3.12
N GLN A 744 -40.12 -11.88 -4.19
CA GLN A 744 -39.60 -13.09 -4.81
C GLN A 744 -38.19 -12.84 -5.33
N PRO A 745 -37.28 -13.82 -5.23
CA PRO A 745 -35.90 -13.56 -5.68
C PRO A 745 -35.82 -13.15 -7.14
N LEU A 746 -36.65 -13.76 -7.99
CA LEU A 746 -36.61 -13.45 -9.42
C LEU A 746 -37.02 -12.02 -9.70
N ILE A 747 -38.12 -11.57 -9.06
CA ILE A 747 -38.60 -10.22 -9.28
C ILE A 747 -37.59 -9.19 -8.78
N ARG A 748 -37.05 -9.40 -7.58
CA ARG A 748 -36.09 -8.45 -7.06
C ARG A 748 -34.80 -8.46 -7.88
N SER A 749 -34.43 -9.60 -8.44
CA SER A 749 -33.26 -9.63 -9.33
C SER A 749 -33.52 -8.81 -10.60
N MET A 750 -34.70 -8.96 -11.21
CA MET A 750 -34.97 -8.15 -12.40
C MET A 750 -35.03 -6.66 -12.06
N ARG A 751 -35.60 -6.32 -10.90
CA ARG A 751 -35.56 -4.93 -10.47
C ARG A 751 -34.14 -4.46 -10.29
N THR A 752 -33.26 -5.33 -9.80
CA THR A 752 -31.84 -4.98 -9.73
C THR A 752 -31.29 -4.69 -11.12
N VAL A 753 -31.68 -5.50 -12.11
CA VAL A 753 -31.18 -5.29 -13.48
C VAL A 753 -31.61 -3.91 -13.99
N LYS A 754 -32.89 -3.58 -13.81
CA LYS A 754 -33.38 -2.28 -14.27
C LYS A 754 -32.70 -1.14 -13.51
N ARG A 755 -32.54 -1.31 -12.20
CA ARG A 755 -31.83 -0.31 -11.41
C ARG A 755 -30.42 -0.10 -11.94
N GLU A 756 -29.74 -1.18 -12.32
CA GLU A 756 -28.39 -1.05 -12.82
C GLU A 756 -28.36 -0.37 -14.18
N THR A 757 -29.32 -0.67 -15.05
CA THR A 757 -29.39 0.04 -16.33
C THR A 757 -29.53 1.54 -16.12
N LEU A 758 -30.48 1.93 -15.27
CA LEU A 758 -30.69 3.36 -15.02
C LEU A 758 -29.47 3.99 -14.36
N LYS A 759 -28.84 3.26 -13.43
CA LYS A 759 -27.64 3.77 -12.79
C LYS A 759 -26.52 3.98 -13.80
N LEU A 760 -26.36 3.05 -14.74
CA LEU A 760 -25.35 3.19 -15.77
C LEU A 760 -25.60 4.43 -16.61
N ILE A 761 -26.84 4.58 -17.10
CA ILE A 761 -27.14 5.75 -17.95
C ILE A 761 -26.91 7.04 -17.16
N SER A 762 -27.38 7.08 -15.91
CA SER A 762 -27.22 8.27 -15.10
C SER A 762 -25.74 8.60 -14.90
N GLY A 763 -24.94 7.59 -14.57
CA GLY A 763 -23.52 7.83 -14.39
C GLY A 763 -22.85 8.37 -15.63
N TRP A 764 -23.13 7.74 -16.78
CA TRP A 764 -22.51 8.19 -18.00
C TRP A 764 -22.91 9.63 -18.32
N VAL A 765 -24.22 9.92 -18.26
CA VAL A 765 -24.68 11.26 -18.61
C VAL A 765 -24.11 12.29 -17.66
N SER A 766 -24.09 11.98 -16.37
CA SER A 766 -23.46 12.89 -15.41
C SER A 766 -21.99 13.10 -15.74
N ARG A 767 -21.33 12.09 -16.27
CA ARG A 767 -19.93 12.18 -16.65
C ARG A 767 -19.73 12.55 -18.11
N SER A 768 -20.81 12.72 -18.88
CA SER A 768 -20.69 13.00 -20.30
C SER A 768 -20.33 14.47 -20.53
N ASN A 769 -19.95 14.77 -21.78
CA ASN A 769 -19.48 16.10 -22.12
C ASN A 769 -19.97 16.59 -23.48
N ASP A 770 -20.91 15.88 -24.11
CA ASP A 770 -21.41 16.22 -25.45
C ASP A 770 -22.91 16.40 -25.35
N PRO A 771 -23.38 17.59 -24.97
CA PRO A 771 -24.84 17.77 -24.80
C PRO A 771 -25.64 17.42 -26.04
N GLN A 772 -25.15 17.78 -27.22
CA GLN A 772 -25.93 17.55 -28.43
C GLN A 772 -26.04 16.05 -28.73
N MET A 773 -24.94 15.32 -28.60
CA MET A 773 -24.98 13.88 -28.87
C MET A 773 -25.97 13.17 -27.96
N VAL A 774 -25.93 13.49 -26.66
CA VAL A 774 -26.86 12.87 -25.73
C VAL A 774 -28.29 13.28 -26.06
N ALA A 775 -28.51 14.56 -26.35
CA ALA A 775 -29.85 15.02 -26.68
C ALA A 775 -30.38 14.36 -27.94
N GLU A 776 -29.49 13.93 -28.83
CA GLU A 776 -29.92 13.39 -30.11
C GLU A 776 -30.13 11.89 -30.08
N ASN A 777 -29.15 11.13 -29.56
CA ASN A 777 -29.20 9.68 -29.67
C ASN A 777 -29.83 9.02 -28.45
N PHE A 778 -29.30 9.31 -27.25
CA PHE A 778 -29.69 8.55 -26.07
C PHE A 778 -31.07 8.95 -25.56
N VAL A 779 -31.40 10.23 -25.61
CA VAL A 779 -32.61 10.71 -24.93
C VAL A 779 -33.88 10.06 -25.47
N PRO A 780 -34.11 9.98 -26.78
CA PRO A 780 -35.43 9.55 -27.27
C PRO A 780 -35.75 8.12 -26.86
N PRO A 781 -34.89 7.15 -27.19
CA PRO A 781 -35.20 5.77 -26.76
C PRO A 781 -35.29 5.62 -25.25
N LEU A 782 -34.46 6.36 -24.51
CA LEU A 782 -34.51 6.30 -23.06
C LEU A 782 -35.89 6.72 -22.56
N LEU A 783 -36.38 7.86 -23.03
CA LEU A 783 -37.69 8.31 -22.62
C LEU A 783 -38.77 7.31 -23.04
N ASP A 784 -38.67 6.80 -24.27
CA ASP A 784 -39.68 5.86 -24.74
C ASP A 784 -39.75 4.63 -23.83
N ALA A 785 -38.60 4.10 -23.43
CA ALA A 785 -38.59 2.88 -22.63
C ALA A 785 -38.96 3.15 -21.17
N VAL A 786 -38.60 4.31 -20.64
CA VAL A 786 -38.75 4.54 -19.20
C VAL A 786 -40.12 5.13 -18.86
N LEU A 787 -40.49 6.23 -19.53
CA LEU A 787 -41.56 7.06 -19.00
C LEU A 787 -42.90 6.34 -18.95
N ILE A 788 -43.31 5.75 -20.07
CA ILE A 788 -44.63 5.11 -20.11
C ILE A 788 -44.72 4.00 -19.07
N ASP A 789 -43.67 3.20 -18.95
CA ASP A 789 -43.68 2.11 -17.98
C ASP A 789 -43.82 2.64 -16.56
N TYR A 790 -43.10 3.72 -16.23
CA TYR A 790 -43.21 4.28 -14.89
C TYR A 790 -44.64 4.69 -14.59
N GLN A 791 -45.30 5.36 -15.54
CA GLN A 791 -46.68 5.78 -15.34
C GLN A 791 -47.60 4.57 -15.16
N ARG A 792 -47.42 3.53 -15.99
CA ARG A 792 -48.39 2.45 -16.05
C ARG A 792 -48.26 1.47 -14.89
N ASN A 793 -47.06 1.26 -14.37
CA ASN A 793 -46.86 0.22 -13.37
C ASN A 793 -47.62 0.53 -12.08
N VAL A 794 -47.70 -0.47 -11.22
CA VAL A 794 -48.33 -0.37 -9.90
C VAL A 794 -47.41 0.45 -9.00
N PRO A 795 -47.94 1.21 -8.04
CA PRO A 795 -47.06 2.07 -7.23
C PRO A 795 -45.96 1.32 -6.52
N ALA A 796 -46.16 0.06 -6.16
CA ALA A 796 -45.12 -0.69 -5.46
C ALA A 796 -43.97 -1.08 -6.37
N ALA A 797 -44.20 -1.12 -7.68
CA ALA A 797 -43.20 -1.58 -8.64
C ALA A 797 -42.67 -0.43 -9.50
N ARG A 798 -42.44 0.73 -8.89
CA ARG A 798 -41.89 1.89 -9.56
C ARG A 798 -40.55 2.23 -8.92
N GLU A 799 -39.50 2.28 -9.73
CA GLU A 799 -38.16 2.51 -9.23
C GLU A 799 -37.88 4.00 -9.17
N PRO A 800 -37.48 4.56 -8.03
CA PRO A 800 -37.12 5.99 -7.99
C PRO A 800 -35.92 6.31 -8.84
N GLU A 801 -35.16 5.30 -9.27
CA GLU A 801 -34.02 5.55 -10.14
C GLU A 801 -34.46 6.22 -11.44
N VAL A 802 -35.70 6.00 -11.87
CA VAL A 802 -36.20 6.69 -13.05
C VAL A 802 -36.20 8.20 -12.80
N LEU A 803 -36.72 8.62 -11.66
CA LEU A 803 -36.72 10.04 -11.31
C LEU A 803 -35.29 10.55 -11.18
N SER A 804 -34.41 9.77 -10.56
CA SER A 804 -33.03 10.21 -10.43
C SER A 804 -32.39 10.42 -11.80
N THR A 805 -32.62 9.49 -12.73
CA THR A 805 -32.03 9.60 -14.05
C THR A 805 -32.59 10.77 -14.82
N MET A 806 -33.91 10.99 -14.74
CA MET A 806 -34.48 12.15 -15.42
C MET A 806 -33.93 13.44 -14.85
N ALA A 807 -33.78 13.51 -13.53
CA ALA A 807 -33.19 14.70 -12.92
C ALA A 807 -31.77 14.90 -13.41
N ILE A 808 -30.99 13.82 -13.50
CA ILE A 808 -29.60 13.94 -13.93
C ILE A 808 -29.53 14.46 -15.37
N ILE A 809 -30.35 13.87 -16.25
CA ILE A 809 -30.27 14.23 -17.66
C ILE A 809 -30.74 15.65 -17.88
N VAL A 810 -31.82 16.06 -17.20
CA VAL A 810 -32.28 17.44 -17.33
C VAL A 810 -31.25 18.40 -16.77
N ASN A 811 -30.64 18.05 -15.63
CA ASN A 811 -29.64 18.93 -15.03
C ASN A 811 -28.46 19.13 -15.97
N LYS A 812 -28.01 18.06 -16.63
CA LYS A 812 -26.90 18.19 -17.57
C LYS A 812 -27.34 18.98 -18.80
N LEU A 813 -28.30 18.45 -19.55
CA LEU A 813 -28.77 19.11 -20.78
C LEU A 813 -29.74 20.22 -20.38
N GLY A 814 -29.17 21.39 -20.11
CA GLY A 814 -29.96 22.47 -19.55
C GLY A 814 -31.16 22.84 -20.41
N GLY A 815 -30.94 22.98 -21.71
CA GLY A 815 -32.00 23.43 -22.60
C GLY A 815 -32.49 22.38 -23.56
N HIS A 816 -31.58 21.50 -24.01
CA HIS A 816 -31.93 20.54 -25.05
C HIS A 816 -33.11 19.66 -24.65
N ILE A 817 -33.29 19.41 -23.34
CA ILE A 817 -34.44 18.64 -22.88
C ILE A 817 -35.71 19.46 -22.81
N THR A 818 -35.62 20.78 -22.97
CA THR A 818 -36.78 21.64 -22.81
C THR A 818 -37.92 21.23 -23.74
N ALA A 819 -37.60 20.59 -24.86
CA ALA A 819 -38.65 20.18 -25.79
C ALA A 819 -39.47 19.02 -25.25
N GLU A 820 -38.84 18.10 -24.52
CA GLU A 820 -39.49 16.89 -24.07
C GLU A 820 -40.01 16.96 -22.64
N ILE A 821 -39.82 18.09 -21.95
CA ILE A 821 -40.25 18.19 -20.56
C ILE A 821 -41.74 17.89 -20.39
N PRO A 822 -42.65 18.42 -21.21
CA PRO A 822 -44.08 18.23 -20.91
C PRO A 822 -44.49 16.77 -20.79
N GLN A 823 -43.98 15.89 -21.67
CA GLN A 823 -44.33 14.48 -21.55
C GLN A 823 -43.74 13.86 -20.29
N ILE A 824 -42.52 14.29 -19.91
CA ILE A 824 -41.94 13.82 -18.66
C ILE A 824 -42.87 14.13 -17.51
N PHE A 825 -43.34 15.39 -17.42
CA PHE A 825 -44.21 15.74 -16.31
C PHE A 825 -45.57 15.06 -16.42
N ASP A 826 -46.07 14.86 -17.64
CA ASP A 826 -47.36 14.21 -17.81
C ASP A 826 -47.30 12.77 -17.30
N ALA A 827 -46.23 12.04 -17.63
CA ALA A 827 -46.16 10.63 -17.29
C ALA A 827 -45.71 10.40 -15.85
N VAL A 828 -44.77 11.21 -15.36
CA VAL A 828 -44.18 10.97 -14.06
C VAL A 828 -44.84 11.80 -12.97
N PHE A 829 -44.98 13.11 -13.20
CA PHE A 829 -45.40 14.01 -12.13
C PHE A 829 -46.78 13.67 -11.61
N GLU A 830 -47.73 13.40 -12.50
CA GLU A 830 -49.10 13.17 -12.08
C GLU A 830 -49.21 11.98 -11.14
N CYS A 831 -48.59 10.86 -11.50
CA CYS A 831 -48.70 9.66 -10.68
C CYS A 831 -47.86 9.77 -9.41
N THR A 832 -46.64 10.29 -9.53
CA THR A 832 -45.75 10.32 -8.38
C THR A 832 -46.27 11.24 -7.28
N LEU A 833 -46.87 12.38 -7.64
CA LEU A 833 -47.29 13.34 -6.64
C LEU A 833 -48.24 12.70 -5.63
N ASN A 834 -49.29 12.03 -6.11
CA ASN A 834 -50.25 11.42 -5.22
C ASN A 834 -49.60 10.33 -4.37
N MET A 835 -48.63 9.62 -4.94
CA MET A 835 -48.01 8.49 -4.25
C MET A 835 -47.24 8.91 -3.00
N ILE A 836 -46.91 10.19 -2.85
CA ILE A 836 -46.01 10.64 -1.80
C ILE A 836 -46.73 11.51 -0.77
N ASN A 837 -47.69 12.33 -1.20
CA ASN A 837 -48.21 13.37 -0.33
C ASN A 837 -48.89 12.79 0.91
N LYS A 838 -49.69 11.73 0.74
CA LYS A 838 -50.49 11.24 1.85
C LYS A 838 -49.63 10.79 3.01
N ASP A 839 -48.66 9.91 2.75
CA ASP A 839 -47.82 9.34 3.79
C ASP A 839 -46.40 9.85 3.62
N PHE A 840 -45.79 10.28 4.73
CA PHE A 840 -44.45 10.84 4.70
C PHE A 840 -43.36 9.81 4.92
N GLU A 841 -43.73 8.55 5.18
CA GLU A 841 -42.78 7.50 5.49
C GLU A 841 -42.91 6.30 4.55
N GLU A 842 -43.71 6.42 3.48
CA GLU A 842 -43.96 5.28 2.62
C GLU A 842 -42.78 5.01 1.68
N TYR A 843 -42.38 6.02 0.91
CA TYR A 843 -41.29 5.90 -0.05
C TYR A 843 -40.29 7.02 0.20
N PRO A 844 -39.37 6.85 1.15
CA PRO A 844 -38.40 7.92 1.42
C PRO A 844 -37.59 8.32 0.21
N GLU A 845 -37.20 7.35 -0.63
CA GLU A 845 -36.35 7.68 -1.78
C GLU A 845 -37.15 8.37 -2.87
N HIS A 846 -38.39 7.91 -3.13
CA HIS A 846 -39.16 8.49 -4.21
C HIS A 846 -39.39 9.97 -3.99
N ARG A 847 -39.69 10.38 -2.76
CA ARG A 847 -39.92 11.79 -2.47
C ARG A 847 -38.67 12.61 -2.77
N THR A 848 -37.52 12.13 -2.32
CA THR A 848 -36.27 12.87 -2.54
C THR A 848 -35.98 13.00 -4.02
N ASN A 849 -36.11 11.90 -4.77
CA ASN A 849 -35.82 11.95 -6.20
C ASN A 849 -36.81 12.85 -6.93
N PHE A 850 -38.08 12.82 -6.53
CA PHE A 850 -39.06 13.69 -7.16
C PHE A 850 -38.72 15.16 -6.90
N PHE A 851 -38.32 15.49 -5.67
CA PHE A 851 -37.97 16.87 -5.38
C PHE A 851 -36.73 17.30 -6.15
N LEU A 852 -35.73 16.41 -6.28
CA LEU A 852 -34.57 16.73 -7.08
C LEU A 852 -34.96 16.98 -8.54
N LEU A 853 -35.82 16.12 -9.11
CA LEU A 853 -36.26 16.31 -10.48
C LEU A 853 -36.95 17.67 -10.64
N LEU A 854 -37.86 17.99 -9.72
CA LEU A 854 -38.60 19.24 -9.84
C LEU A 854 -37.66 20.43 -9.72
N GLN A 855 -36.71 20.37 -8.78
CA GLN A 855 -35.77 21.47 -8.65
C GLN A 855 -34.94 21.64 -9.91
N ALA A 856 -34.45 20.54 -10.47
CA ALA A 856 -33.62 20.63 -11.66
C ALA A 856 -34.40 21.22 -12.83
N VAL A 857 -35.65 20.77 -13.02
CA VAL A 857 -36.45 21.29 -14.12
C VAL A 857 -36.74 22.76 -13.90
N ASN A 858 -37.14 23.15 -12.68
CA ASN A 858 -37.42 24.55 -12.42
C ASN A 858 -36.19 25.42 -12.53
N SER A 859 -35.00 24.83 -12.42
CA SER A 859 -33.76 25.61 -12.52
C SER A 859 -33.26 25.74 -13.95
N HIS A 860 -33.44 24.71 -14.79
CA HIS A 860 -32.81 24.70 -16.11
C HIS A 860 -33.78 24.70 -17.28
N CYS A 861 -35.09 24.50 -17.06
CA CYS A 861 -36.04 24.46 -18.16
C CYS A 861 -37.33 25.19 -17.81
N PHE A 862 -37.23 26.27 -17.04
CA PHE A 862 -38.43 26.94 -16.56
C PHE A 862 -39.42 27.26 -17.68
N PRO A 863 -39.01 27.73 -18.85
CA PRO A 863 -39.98 27.96 -19.93
C PRO A 863 -40.83 26.75 -20.25
N ALA A 864 -40.42 25.54 -19.84
CA ALA A 864 -41.23 24.37 -20.07
C ALA A 864 -42.56 24.46 -19.33
N PHE A 865 -42.54 24.92 -18.06
CA PHE A 865 -43.74 24.97 -17.25
C PHE A 865 -44.87 25.68 -17.98
N LEU A 866 -44.59 26.86 -18.53
CA LEU A 866 -45.64 27.64 -19.18
C LEU A 866 -46.33 26.83 -20.27
N ALA A 867 -45.57 26.08 -21.06
CA ALA A 867 -46.16 25.23 -22.08
C ALA A 867 -47.06 24.15 -21.48
N ILE A 868 -46.84 23.79 -20.22
CA ILE A 868 -47.63 22.75 -19.57
C ILE A 868 -49.03 23.31 -19.31
N PRO A 869 -50.08 22.50 -19.38
CA PRO A 869 -51.41 22.99 -19.04
C PRO A 869 -51.42 23.51 -17.61
N PRO A 870 -52.20 24.56 -17.34
CA PRO A 870 -52.12 25.22 -16.02
C PRO A 870 -52.47 24.30 -14.87
N THR A 871 -53.26 23.24 -15.10
CA THR A 871 -53.56 22.31 -14.02
C THR A 871 -52.29 21.69 -13.47
N GLN A 872 -51.35 21.34 -14.34
CA GLN A 872 -50.09 20.78 -13.88
C GLN A 872 -49.30 21.79 -13.07
N PHE A 873 -49.32 23.06 -13.48
CA PHE A 873 -48.64 24.09 -12.71
C PHE A 873 -49.26 24.23 -11.33
N LYS A 874 -50.59 24.15 -11.26
CA LYS A 874 -51.26 24.21 -9.96
C LYS A 874 -50.86 23.01 -9.11
N LEU A 875 -50.77 21.84 -9.71
CA LEU A 875 -50.32 20.67 -8.97
C LEU A 875 -48.90 20.85 -8.45
N VAL A 876 -48.02 21.41 -9.28
CA VAL A 876 -46.66 21.68 -8.87
C VAL A 876 -46.63 22.64 -7.69
N LEU A 877 -47.44 23.70 -7.76
CA LEU A 877 -47.49 24.67 -6.67
C LEU A 877 -48.02 24.02 -5.39
N ASP A 878 -49.03 23.16 -5.51
CA ASP A 878 -49.53 22.46 -4.33
C ASP A 878 -48.45 21.59 -3.71
N SER A 879 -47.71 20.85 -4.54
CA SER A 879 -46.63 20.02 -4.03
C SER A 879 -45.58 20.87 -3.33
N ILE A 880 -45.18 21.99 -3.94
CA ILE A 880 -44.19 22.86 -3.34
C ILE A 880 -44.70 23.42 -2.01
N ILE A 881 -45.97 23.80 -1.98
CA ILE A 881 -46.56 24.33 -0.75
C ILE A 881 -46.49 23.29 0.35
N TRP A 882 -46.86 22.04 0.03
CA TRP A 882 -46.73 20.98 1.01
C TRP A 882 -45.28 20.78 1.43
N ALA A 883 -44.34 21.02 0.52
CA ALA A 883 -42.95 20.67 0.78
C ALA A 883 -42.42 21.37 2.03
N PHE A 884 -42.73 22.65 2.19
CA PHE A 884 -42.20 23.42 3.31
C PHE A 884 -43.20 23.55 4.46
N LYS A 885 -44.32 22.84 4.42
CA LYS A 885 -45.28 22.91 5.52
C LYS A 885 -44.92 21.92 6.63
N HIS A 886 -44.80 20.64 6.28
CA HIS A 886 -44.46 19.64 7.29
C HIS A 886 -43.01 19.84 7.76
N THR A 887 -42.70 19.21 8.89
CA THR A 887 -41.55 19.59 9.70
C THR A 887 -40.25 18.91 9.28
N MET A 888 -40.27 18.02 8.30
CA MET A 888 -39.02 17.38 7.87
C MET A 888 -38.05 18.44 7.36
N ARG A 889 -36.85 18.47 7.93
CA ARG A 889 -35.92 19.56 7.67
C ARG A 889 -35.51 19.62 6.21
N ASN A 890 -35.03 18.49 5.68
CA ASN A 890 -34.53 18.49 4.30
C ASN A 890 -35.64 18.85 3.32
N VAL A 891 -36.82 18.26 3.50
CA VAL A 891 -37.93 18.52 2.58
C VAL A 891 -38.31 19.99 2.65
N ALA A 892 -38.35 20.55 3.86
CA ALA A 892 -38.68 21.97 4.00
C ALA A 892 -37.65 22.83 3.28
N ASP A 893 -36.37 22.51 3.43
CA ASP A 893 -35.33 23.32 2.79
C ASP A 893 -35.45 23.27 1.28
N THR A 894 -35.61 22.06 0.72
CA THR A 894 -35.72 21.96 -0.73
C THR A 894 -36.98 22.64 -1.24
N GLY A 895 -38.10 22.52 -0.52
CA GLY A 895 -39.31 23.20 -0.93
C GLY A 895 -39.15 24.71 -0.93
N LEU A 896 -38.57 25.26 0.14
CA LEU A 896 -38.37 26.70 0.20
C LEU A 896 -37.45 27.17 -0.92
N GLN A 897 -36.37 26.41 -1.18
CA GLN A 897 -35.45 26.80 -2.24
C GLN A 897 -36.13 26.77 -3.60
N ILE A 898 -36.93 25.73 -3.86
CA ILE A 898 -37.64 25.64 -5.13
C ILE A 898 -38.62 26.79 -5.27
N LEU A 899 -39.31 27.14 -4.19
CA LEU A 899 -40.26 28.25 -4.24
C LEU A 899 -39.54 29.57 -4.54
N PHE A 900 -38.41 29.81 -3.87
CA PHE A 900 -37.67 31.05 -4.12
C PHE A 900 -37.16 31.11 -5.55
N THR A 901 -36.62 30.01 -6.05
CA THR A 901 -36.13 30.00 -7.43
C THR A 901 -37.27 30.20 -8.40
N LEU A 902 -38.44 29.61 -8.12
CA LEU A 902 -39.60 29.82 -8.98
C LEU A 902 -40.02 31.28 -8.99
N LEU A 903 -40.02 31.92 -7.82
CA LEU A 903 -40.33 33.34 -7.77
C LEU A 903 -39.35 34.14 -8.61
N GLN A 904 -38.06 33.81 -8.51
CA GLN A 904 -37.06 34.52 -9.29
C GLN A 904 -37.27 34.33 -10.79
N ASN A 905 -37.56 33.10 -11.22
CA ASN A 905 -37.62 32.79 -12.64
C ASN A 905 -38.91 33.32 -13.28
N VAL A 906 -40.03 33.25 -12.57
CA VAL A 906 -41.30 33.65 -13.18
C VAL A 906 -41.29 35.12 -13.55
N ALA A 907 -40.44 35.91 -12.90
CA ALA A 907 -40.39 37.35 -13.19
C ALA A 907 -39.94 37.63 -14.61
N GLN A 908 -39.35 36.65 -15.30
CA GLN A 908 -38.84 36.85 -16.65
C GLN A 908 -39.85 36.51 -17.73
N GLU A 909 -41.05 36.07 -17.36
CA GLU A 909 -42.09 35.70 -18.32
C GLU A 909 -43.31 36.58 -18.06
N GLU A 910 -43.38 37.71 -18.78
CA GLU A 910 -44.44 38.67 -18.54
C GLU A 910 -45.82 38.08 -18.84
N ALA A 911 -45.93 37.29 -19.90
CA ALA A 911 -47.24 36.83 -20.35
C ALA A 911 -48.01 36.15 -19.23
N ALA A 912 -47.37 35.22 -18.52
CA ALA A 912 -48.00 34.49 -17.44
C ALA A 912 -47.66 35.04 -16.06
N ALA A 913 -46.76 36.03 -15.97
CA ALA A 913 -46.38 36.55 -14.67
C ALA A 913 -47.57 37.19 -13.96
N GLN A 914 -48.35 37.98 -14.70
CA GLN A 914 -49.51 38.65 -14.09
C GLN A 914 -50.52 37.62 -13.59
N SER A 915 -50.79 36.59 -14.41
CA SER A 915 -51.74 35.57 -14.01
C SER A 915 -51.24 34.83 -12.76
N PHE A 916 -49.96 34.45 -12.75
CA PHE A 916 -49.42 33.73 -11.61
C PHE A 916 -49.49 34.59 -10.35
N TYR A 917 -49.15 35.87 -10.46
CA TYR A 917 -49.28 36.77 -9.32
C TYR A 917 -50.71 36.79 -8.81
N GLN A 918 -51.64 37.24 -9.65
CA GLN A 918 -53.02 37.40 -9.19
C GLN A 918 -53.59 36.10 -8.66
N THR A 919 -53.09 34.96 -9.13
CA THR A 919 -53.64 33.68 -8.69
C THR A 919 -53.04 33.24 -7.36
N TYR A 920 -51.73 33.06 -7.32
CA TYR A 920 -51.09 32.36 -6.21
C TYR A 920 -50.34 33.28 -5.25
N PHE A 921 -50.09 34.54 -5.61
CA PHE A 921 -49.26 35.38 -4.77
C PHE A 921 -49.83 35.50 -3.37
N CYS A 922 -51.12 35.81 -3.25
CA CYS A 922 -51.74 35.90 -1.93
C CYS A 922 -51.73 34.55 -1.22
N ASP A 923 -52.04 33.48 -1.94
CA ASP A 923 -52.08 32.15 -1.32
C ASP A 923 -50.71 31.77 -0.77
N ILE A 924 -49.68 31.87 -1.61
CA ILE A 924 -48.33 31.53 -1.17
C ILE A 924 -47.91 32.42 -0.02
N LEU A 925 -48.23 33.71 -0.11
CA LEU A 925 -47.80 34.67 0.90
C LEU A 925 -48.41 34.32 2.25
N GLN A 926 -49.72 34.06 2.26
CA GLN A 926 -50.41 33.66 3.48
C GLN A 926 -49.87 32.35 4.02
N HIS A 927 -49.58 31.38 3.15
CA HIS A 927 -49.01 30.13 3.63
C HIS A 927 -47.65 30.37 4.28
N ILE A 928 -46.86 31.28 3.72
CA ILE A 928 -45.54 31.57 4.27
C ILE A 928 -45.68 32.16 5.67
N PHE A 929 -46.59 33.11 5.87
CA PHE A 929 -46.83 33.57 7.23
C PHE A 929 -47.29 32.43 8.13
N SER A 930 -48.23 31.60 7.65
CA SER A 930 -48.80 30.58 8.51
C SER A 930 -47.71 29.65 9.03
N VAL A 931 -46.81 29.21 8.15
CA VAL A 931 -45.70 28.37 8.58
C VAL A 931 -44.75 29.18 9.46
N VAL A 932 -44.54 30.46 9.13
CA VAL A 932 -43.64 31.29 9.91
C VAL A 932 -44.22 31.57 11.29
N THR A 933 -45.52 31.90 11.34
CA THR A 933 -46.14 32.22 12.62
C THR A 933 -46.01 31.06 13.59
N ASP A 934 -46.12 29.82 13.10
CA ASP A 934 -45.93 28.66 13.96
C ASP A 934 -44.49 28.56 14.44
N THR A 935 -43.54 29.09 13.67
CA THR A 935 -42.13 29.03 14.03
C THR A 935 -41.63 27.59 14.13
N SER A 936 -42.24 26.69 13.37
CA SER A 936 -41.86 25.28 13.41
C SER A 936 -40.58 25.00 12.62
N HIS A 937 -40.16 25.90 11.75
CA HIS A 937 -38.96 25.73 10.93
C HIS A 937 -38.02 26.90 11.23
N THR A 938 -37.23 26.77 12.28
CA THR A 938 -36.29 27.83 12.62
C THR A 938 -35.17 27.93 11.59
N ALA A 939 -34.69 26.79 11.09
CA ALA A 939 -33.61 26.80 10.11
C ALA A 939 -34.01 27.55 8.85
N GLY A 940 -35.24 27.33 8.38
CA GLY A 940 -35.73 27.98 7.19
C GLY A 940 -36.21 29.40 7.39
N LEU A 941 -36.16 29.91 8.63
CA LEU A 941 -36.65 31.27 8.88
C LEU A 941 -35.88 32.30 8.08
N THR A 942 -34.58 32.09 7.88
CA THR A 942 -33.82 33.00 7.02
C THR A 942 -34.36 32.98 5.60
N MET A 943 -34.65 31.79 5.08
CA MET A 943 -35.26 31.68 3.75
C MET A 943 -36.63 32.32 3.75
N HIS A 944 -37.38 32.16 4.83
CA HIS A 944 -38.70 32.80 4.94
C HIS A 944 -38.57 34.31 4.82
N ALA A 945 -37.63 34.90 5.55
CA ALA A 945 -37.41 36.33 5.47
C ALA A 945 -36.98 36.74 4.06
N SER A 946 -36.12 35.93 3.44
CA SER A 946 -35.65 36.24 2.10
C SER A 946 -36.83 36.31 1.12
N ILE A 947 -37.67 35.28 1.12
CA ILE A 947 -38.79 35.25 0.17
C ILE A 947 -39.80 36.34 0.50
N LEU A 948 -40.00 36.62 1.80
CA LEU A 948 -40.91 37.70 2.17
C LEU A 948 -40.41 39.03 1.65
N ALA A 949 -39.11 39.30 1.80
CA ALA A 949 -38.54 40.54 1.28
C ALA A 949 -38.67 40.59 -0.24
N TYR A 950 -38.41 39.47 -0.91
CA TYR A 950 -38.53 39.46 -2.36
C TYR A 950 -39.95 39.79 -2.79
N MET A 951 -40.95 39.18 -2.16
CA MET A 951 -42.33 39.44 -2.53
C MET A 951 -42.72 40.88 -2.22
N PHE A 952 -42.28 41.40 -1.07
CA PHE A 952 -42.60 42.77 -0.72
C PHE A 952 -42.01 43.74 -1.74
N ASN A 953 -40.76 43.51 -2.15
CA ASN A 953 -40.16 44.36 -3.17
C ASN A 953 -40.89 44.21 -4.51
N LEU A 954 -41.25 42.98 -4.87
CA LEU A 954 -41.91 42.75 -6.16
C LEU A 954 -43.22 43.51 -6.23
N VAL A 955 -44.04 43.42 -5.18
CA VAL A 955 -45.29 44.18 -5.16
C VAL A 955 -45.05 45.67 -5.01
N GLU A 956 -43.95 46.06 -4.35
CA GLU A 956 -43.72 47.48 -4.06
C GLU A 956 -43.54 48.29 -5.34
N GLU A 957 -42.81 47.75 -6.31
CA GLU A 957 -42.43 48.49 -7.50
C GLU A 957 -43.47 48.41 -8.61
N GLY A 958 -44.63 47.80 -8.35
CA GLY A 958 -45.70 47.77 -9.33
C GLY A 958 -45.52 46.77 -10.45
N LYS A 959 -44.56 45.85 -10.33
CA LYS A 959 -44.42 44.82 -11.34
C LYS A 959 -45.63 43.92 -11.41
N ILE A 960 -46.48 43.94 -10.37
CA ILE A 960 -47.70 43.13 -10.39
C ILE A 960 -48.56 43.49 -11.59
N SER A 961 -48.73 44.79 -11.84
CA SER A 961 -49.45 45.32 -12.99
C SER A 961 -50.96 45.10 -12.90
N THR A 962 -51.47 44.70 -11.74
CA THR A 962 -52.90 44.49 -11.58
C THR A 962 -53.26 44.64 -10.11
N SER A 963 -54.55 44.84 -9.87
CA SER A 963 -55.04 44.98 -8.50
C SER A 963 -55.02 43.63 -7.79
N LEU A 964 -54.66 43.66 -6.51
CA LEU A 964 -54.67 42.44 -5.71
C LEU A 964 -56.09 41.94 -5.46
N ASN A 965 -57.09 42.80 -5.61
CA ASN A 965 -58.48 42.39 -5.51
C ASN A 965 -59.07 42.31 -6.91
N PRO A 966 -59.37 41.12 -7.42
CA PRO A 966 -59.91 41.04 -8.79
C PRO A 966 -61.22 41.78 -8.96
N GLY A 967 -62.06 41.82 -7.92
CA GLY A 967 -63.37 42.43 -8.03
C GLY A 967 -63.40 43.94 -7.91
N ASN A 968 -62.30 44.56 -7.46
CA ASN A 968 -62.28 46.00 -7.28
C ASN A 968 -60.85 46.49 -7.29
N PRO A 969 -60.56 47.66 -7.87
CA PRO A 969 -59.22 48.22 -7.76
C PRO A 969 -58.96 48.81 -6.38
N VAL A 970 -57.71 48.69 -5.95
CA VAL A 970 -57.30 49.20 -4.64
C VAL A 970 -55.78 49.28 -4.63
N ASN A 971 -55.25 50.14 -3.77
CA ASN A 971 -53.80 50.24 -3.61
C ASN A 971 -53.23 48.89 -3.20
N ASN A 972 -52.37 48.33 -4.05
CA ASN A 972 -51.82 47.02 -3.77
C ASN A 972 -51.02 47.02 -2.47
N GLN A 973 -50.23 48.07 -2.23
CA GLN A 973 -49.43 48.11 -1.00
C GLN A 973 -50.34 48.17 0.23
N ILE A 974 -51.36 49.02 0.19
CA ILE A 974 -52.26 49.13 1.34
C ILE A 974 -53.05 47.84 1.52
N PHE A 975 -53.45 47.22 0.40
CA PHE A 975 -54.14 45.93 0.51
C PHE A 975 -53.25 44.90 1.17
N LEU A 976 -51.97 44.87 0.80
CA LEU A 976 -51.03 43.95 1.44
C LEU A 976 -50.91 44.25 2.93
N GLN A 977 -50.81 45.54 3.28
CA GLN A 977 -50.68 45.89 4.69
C GLN A 977 -51.89 45.42 5.49
N GLU A 978 -53.09 45.69 5.00
CA GLU A 978 -54.28 45.28 5.73
C GLU A 978 -54.42 43.76 5.78
N TYR A 979 -54.08 43.08 4.67
CA TYR A 979 -54.18 41.63 4.64
C TYR A 979 -53.22 40.99 5.65
N VAL A 980 -51.98 41.47 5.69
CA VAL A 980 -51.02 40.91 6.64
C VAL A 980 -51.42 41.25 8.07
N ALA A 981 -51.96 42.45 8.29
CA ALA A 981 -52.44 42.78 9.62
C ALA A 981 -53.55 41.83 10.06
N ASN A 982 -54.50 41.55 9.16
CA ASN A 982 -55.58 40.63 9.48
C ASN A 982 -55.04 39.23 9.75
N LEU A 983 -54.10 38.77 8.92
CA LEU A 983 -53.54 37.44 9.11
C LEU A 983 -52.80 37.32 10.44
N LEU A 984 -52.02 38.34 10.79
CA LEU A 984 -51.30 38.33 12.06
C LEU A 984 -52.27 38.37 13.23
N LYS A 985 -53.34 39.17 13.11
CA LYS A 985 -54.34 39.21 14.16
C LYS A 985 -54.99 37.84 14.34
N SER A 986 -55.31 37.17 13.23
CA SER A 986 -55.84 35.81 13.33
C SER A 986 -54.82 34.87 13.97
N ALA A 987 -53.55 34.97 13.57
CA ALA A 987 -52.52 34.15 14.18
C ALA A 987 -52.29 34.54 15.64
N PHE A 988 -52.31 35.83 15.94
CA PHE A 988 -52.06 36.35 17.28
C PHE A 988 -53.17 37.32 17.66
N PRO A 989 -54.34 36.80 18.01
CA PRO A 989 -55.44 37.70 18.40
C PRO A 989 -55.12 38.55 19.61
N HIS A 990 -54.31 38.03 20.55
CA HIS A 990 -53.98 38.79 21.74
C HIS A 990 -53.22 40.07 21.43
N LEU A 991 -52.61 40.17 20.25
CA LEU A 991 -51.85 41.36 19.90
C LEU A 991 -52.78 42.53 19.59
N GLN A 992 -52.22 43.74 19.69
CA GLN A 992 -52.95 44.97 19.43
C GLN A 992 -52.68 45.46 18.00
N ASP A 993 -53.58 46.31 17.52
CA ASP A 993 -53.48 46.79 16.15
C ASP A 993 -52.21 47.60 15.92
N ALA A 994 -51.86 48.45 16.89
CA ALA A 994 -50.72 49.35 16.69
C ALA A 994 -49.42 48.58 16.52
N GLN A 995 -49.22 47.52 17.31
CA GLN A 995 -48.01 46.73 17.20
C GLN A 995 -47.89 46.10 15.82
N VAL A 996 -48.98 45.52 15.33
CA VAL A 996 -48.97 44.91 14.00
C VAL A 996 -48.70 45.97 12.94
N LYS A 997 -49.34 47.13 13.07
CA LYS A 997 -49.18 48.19 12.08
C LYS A 997 -47.73 48.65 12.01
N LEU A 998 -47.12 48.94 13.15
CA LEU A 998 -45.74 49.38 13.14
C LEU A 998 -44.80 48.28 12.66
N PHE A 999 -45.08 47.02 13.04
CA PHE A 999 -44.24 45.92 12.61
C PHE A 999 -44.26 45.77 11.10
N VAL A 1000 -45.46 45.85 10.49
CA VAL A 1000 -45.56 45.72 9.04
C VAL A 1000 -44.94 46.92 8.36
N THR A 1001 -45.11 48.11 8.93
CA THR A 1001 -44.51 49.31 8.34
C THR A 1001 -42.99 49.18 8.30
N GLY A 1002 -42.39 48.72 9.40
CA GLY A 1002 -40.95 48.52 9.41
C GLY A 1002 -40.52 47.40 8.47
N LEU A 1003 -41.25 46.28 8.49
CA LEU A 1003 -40.87 45.13 7.67
C LEU A 1003 -40.98 45.45 6.18
N PHE A 1004 -42.08 46.08 5.78
CA PHE A 1004 -42.26 46.39 4.36
C PHE A 1004 -41.19 47.37 3.88
N SER A 1005 -40.85 48.35 4.71
CA SER A 1005 -39.82 49.31 4.31
C SER A 1005 -38.48 48.64 4.08
N LEU A 1006 -38.12 47.68 4.94
CA LEU A 1006 -36.83 47.01 4.87
C LEU A 1006 -36.79 45.91 3.82
N ASN A 1007 -37.77 45.84 2.92
CA ASN A 1007 -37.77 44.82 1.89
C ASN A 1007 -36.54 44.93 0.99
N GLN A 1008 -35.91 46.09 0.93
CA GLN A 1008 -34.75 46.30 0.07
C GLN A 1008 -33.45 45.81 0.68
N ASP A 1009 -33.45 45.40 1.95
CA ASP A 1009 -32.26 44.96 2.64
C ASP A 1009 -32.55 43.64 3.32
N ILE A 1010 -31.91 42.56 2.84
CA ILE A 1010 -32.17 41.24 3.40
C ILE A 1010 -31.75 41.14 4.86
N PRO A 1011 -30.53 41.56 5.24
CA PRO A 1011 -30.17 41.46 6.67
C PRO A 1011 -31.08 42.26 7.57
N ALA A 1012 -31.46 43.47 7.17
CA ALA A 1012 -32.37 44.26 8.00
C ALA A 1012 -33.75 43.63 8.07
N PHE A 1013 -34.22 43.08 6.96
CA PHE A 1013 -35.50 42.38 6.96
C PHE A 1013 -35.47 41.21 7.94
N LYS A 1014 -34.40 40.41 7.89
CA LYS A 1014 -34.27 39.28 8.80
C LYS A 1014 -34.20 39.75 10.25
N GLU A 1015 -33.44 40.82 10.50
CA GLU A 1015 -33.32 41.33 11.87
C GLU A 1015 -34.67 41.80 12.39
N HIS A 1016 -35.42 42.52 11.57
CA HIS A 1016 -36.73 43.00 11.99
C HIS A 1016 -37.68 41.84 12.28
N LEU A 1017 -37.67 40.83 11.40
CA LEU A 1017 -38.53 39.67 11.63
C LEU A 1017 -38.15 38.94 12.91
N ARG A 1018 -36.84 38.76 13.13
CA ARG A 1018 -36.38 38.10 14.35
C ARG A 1018 -36.77 38.89 15.60
N ASP A 1019 -36.61 40.21 15.54
CA ASP A 1019 -36.99 41.04 16.68
C ASP A 1019 -38.48 40.94 16.97
N PHE A 1020 -39.30 40.97 15.92
CA PHE A 1020 -40.73 40.85 16.13
C PHE A 1020 -41.10 39.51 16.73
N LEU A 1021 -40.49 38.42 16.22
CA LEU A 1021 -40.79 37.10 16.77
C LEU A 1021 -40.33 37.01 18.22
N VAL A 1022 -39.18 37.59 18.54
CA VAL A 1022 -38.70 37.59 19.93
C VAL A 1022 -39.67 38.34 20.82
N GLN A 1023 -40.18 39.48 20.35
CA GLN A 1023 -41.15 40.23 21.14
C GLN A 1023 -42.42 39.42 21.35
N ILE A 1024 -42.88 38.72 20.31
CA ILE A 1024 -44.07 37.88 20.44
C ILE A 1024 -43.82 36.79 21.48
N LYS A 1025 -42.66 36.15 21.42
CA LYS A 1025 -42.35 35.09 22.38
C LYS A 1025 -42.28 35.65 23.81
N GLU A 1026 -41.68 36.84 23.97
CA GLU A 1026 -41.61 37.45 25.29
C GLU A 1026 -43.01 37.76 25.82
N PHE A 1027 -43.89 38.27 24.96
CA PHE A 1027 -45.27 38.49 25.37
C PHE A 1027 -45.92 37.19 25.79
N ALA A 1028 -45.70 36.12 25.02
CA ALA A 1028 -46.20 34.80 25.40
C ALA A 1028 -45.34 34.13 26.47
N GLY A 1029 -44.18 34.70 26.79
CA GLY A 1029 -43.31 34.12 27.79
C GLY A 1029 -42.75 32.78 27.38
N GLU A 1030 -42.15 32.71 26.19
CA GLU A 1030 -41.63 31.47 25.65
C GLU A 1030 -40.16 31.66 25.28
N ASP A 1031 -39.42 30.56 25.29
CA ASP A 1031 -38.00 30.60 24.96
C ASP A 1031 -37.79 30.97 23.50
N THR A 1032 -36.71 31.71 23.24
CA THR A 1032 -36.31 32.09 21.90
C THR A 1032 -34.95 31.55 21.52
N SER A 1033 -34.43 30.57 22.26
CA SER A 1033 -33.12 30.02 21.96
C SER A 1033 -33.10 29.35 20.59
N ASP A 1034 -34.18 28.65 20.24
CA ASP A 1034 -34.22 27.93 18.96
C ASP A 1034 -33.88 28.84 17.79
N LEU A 1035 -34.25 30.12 17.89
CA LEU A 1035 -33.86 31.07 16.85
C LEU A 1035 -32.35 31.22 16.79
N PHE A 1036 -31.68 31.26 17.94
CA PHE A 1036 -30.25 31.46 17.98
C PHE A 1036 -29.46 30.22 17.58
N LEU A 1037 -30.05 29.02 17.74
CA LEU A 1037 -29.37 27.81 17.30
C LEU A 1037 -28.95 27.89 15.84
N GLU A 1038 -29.74 28.56 15.02
CA GLU A 1038 -29.42 28.66 13.60
C GLU A 1038 -28.10 29.40 13.38
N GLU A 1039 -27.82 30.40 14.21
CA GLU A 1039 -26.57 31.14 14.08
C GLU A 1039 -25.37 30.34 14.59
N ARG A 1040 -25.51 29.70 15.75
CA ARG A 1040 -24.36 29.02 16.34
C ARG A 1040 -24.05 27.71 15.61
N GLU A 1041 -25.04 27.08 14.99
CA GLU A 1041 -24.73 25.92 14.15
C GLU A 1041 -23.85 26.32 12.98
N ILE A 1042 -24.15 27.46 12.34
CA ILE A 1042 -23.29 27.95 11.28
C ILE A 1042 -21.92 28.31 11.84
N ALA A 1043 -21.89 28.94 13.02
CA ALA A 1043 -20.60 29.32 13.61
C ALA A 1043 -19.72 28.10 13.85
N LEU A 1044 -20.29 27.04 14.42
CA LEU A 1044 -19.52 25.82 14.64
C LEU A 1044 -19.20 25.11 13.34
N ARG A 1045 -20.02 25.29 12.29
CA ARG A 1045 -19.65 24.77 10.98
C ARG A 1045 -18.38 25.46 10.48
N GLN A 1046 -18.31 26.78 10.60
CA GLN A 1046 -17.08 27.47 10.23
C GLN A 1046 -15.92 27.04 11.10
N ALA A 1047 -16.16 26.81 12.39
CA ALA A 1047 -15.09 26.32 13.26
C ALA A 1047 -14.59 24.96 12.80
N ASP A 1048 -15.50 24.07 12.41
CA ASP A 1048 -15.11 22.76 11.91
C ASP A 1048 -14.31 22.89 10.62
N GLU A 1049 -14.73 23.79 9.73
CA GLU A 1049 -13.98 24.02 8.50
C GLU A 1049 -12.57 24.51 8.81
N GLU A 1050 -12.45 25.42 9.79
CA GLU A 1050 -11.13 25.91 10.17
C GLU A 1050 -10.28 24.77 10.73
N LYS A 1051 -10.87 23.91 11.56
CA LYS A 1051 -10.12 22.77 12.08
C LYS A 1051 -9.66 21.86 10.96
N HIS A 1052 -10.55 21.59 9.99
CA HIS A 1052 -10.19 20.73 8.87
C HIS A 1052 -9.02 21.31 8.09
N LYS A 1053 -9.12 22.58 7.70
CA LYS A 1053 -8.06 23.19 6.91
C LYS A 1053 -6.76 23.28 7.71
N ARG A 1054 -6.85 23.46 9.03
CA ARG A 1054 -5.65 23.50 9.86
C ARG A 1054 -4.89 22.19 9.77
N GLN A 1055 -5.60 21.06 9.80
CA GLN A 1055 -4.95 19.76 9.72
C GLN A 1055 -4.22 19.59 8.39
N MET A 1056 -4.82 20.07 7.31
CA MET A 1056 -4.21 19.92 5.99
C MET A 1056 -2.83 20.56 5.90
N SER A 1057 -2.53 21.53 6.76
CA SER A 1057 -1.23 22.19 6.72
C SER A 1057 -0.10 21.20 6.96
N VAL A 1058 -0.25 20.34 7.96
CA VAL A 1058 0.79 19.37 8.31
C VAL A 1058 0.64 18.14 7.43
N PRO A 1059 1.62 17.80 6.59
CA PRO A 1059 1.49 16.59 5.77
C PRO A 1059 1.36 15.34 6.63
N GLY A 1060 0.57 14.40 6.15
CA GLY A 1060 0.41 13.12 6.80
C GLY A 1060 -0.80 12.98 7.70
N ILE A 1061 -1.42 14.09 8.11
CA ILE A 1061 -2.61 13.98 8.94
C ILE A 1061 -3.75 13.35 8.16
N PHE A 1062 -3.84 13.65 6.87
CA PHE A 1062 -4.82 13.03 5.99
C PHE A 1062 -4.14 11.95 5.17
N ASN A 1063 -4.75 10.77 5.11
CA ASN A 1063 -4.13 9.66 4.42
C ASN A 1063 -4.09 9.93 2.91
N PRO A 1064 -3.13 9.34 2.20
CA PRO A 1064 -2.97 9.67 0.77
C PRO A 1064 -4.20 9.40 -0.07
N HIS A 1065 -4.97 8.36 0.27
CA HIS A 1065 -6.08 7.94 -0.58
C HIS A 1065 -7.36 8.70 -0.31
N GLU A 1066 -7.29 9.82 0.41
CA GLU A 1066 -8.43 10.70 0.62
C GLU A 1066 -8.17 12.12 0.14
N ILE A 1067 -6.93 12.58 0.12
CA ILE A 1067 -6.63 13.92 -0.37
C ILE A 1067 -6.92 13.99 -1.86
N PRO A 1068 -7.50 15.08 -2.38
CA PRO A 1068 -7.76 15.20 -3.83
C PRO A 1068 -6.53 15.66 -4.62
N GLU A 1069 -5.41 14.97 -4.41
CA GLU A 1069 -4.14 15.31 -5.05
C GLU A 1069 -3.60 14.04 -5.72
N GLU A 1070 -3.80 13.92 -7.02
CA GLU A 1070 -3.28 12.80 -7.79
C GLU A 1070 -1.97 13.11 -8.49
N MET A 1071 -1.66 14.39 -8.70
CA MET A 1071 -0.40 14.85 -9.30
C MET A 1071 -0.21 14.39 -10.73
N CYS A 1072 -1.21 13.73 -11.33
CA CYS A 1072 -1.14 13.28 -12.71
C CYS A 1072 0.13 12.46 -12.94
N ASP A 1073 0.40 11.56 -12.01
CA ASP A 1073 1.59 10.71 -12.10
C ASP A 1073 1.52 9.58 -11.09
N THR B 39 10.71 -13.60 31.67
CA THR B 39 11.21 -14.71 30.85
C THR B 39 12.68 -14.52 30.49
N LEU B 40 13.32 -13.53 31.11
CA LEU B 40 14.71 -13.19 30.79
C LEU B 40 15.42 -12.66 32.02
N LYS B 41 16.67 -13.08 32.19
CA LYS B 41 17.48 -12.68 33.33
C LYS B 41 18.01 -11.26 33.13
N PRO B 42 18.52 -10.64 34.20
CA PRO B 42 18.94 -9.23 34.07
C PRO B 42 19.96 -8.98 32.99
N LEU B 43 20.86 -9.92 32.72
CA LEU B 43 21.83 -9.73 31.64
C LEU B 43 21.13 -9.52 30.30
N HIS B 44 20.07 -10.29 30.06
CA HIS B 44 19.33 -10.15 28.82
C HIS B 44 18.76 -8.75 28.67
N CYS B 45 18.15 -8.22 29.73
CA CYS B 45 17.59 -6.87 29.67
C CYS B 45 18.71 -5.84 29.49
N ALA B 46 19.84 -6.02 30.17
CA ALA B 46 20.94 -5.08 30.04
C ALA B 46 21.45 -5.03 28.61
N CYS B 47 21.53 -6.20 27.95
CA CYS B 47 21.93 -6.19 26.55
C CYS B 47 20.84 -5.60 25.67
N MET B 48 19.57 -5.86 25.99
CA MET B 48 18.47 -5.24 25.24
C MET B 48 18.62 -3.73 25.21
N VAL B 49 18.78 -3.11 26.38
CA VAL B 49 19.05 -1.68 26.42
C VAL B 49 20.39 -1.33 25.81
N SER B 50 21.24 -2.34 25.57
CA SER B 50 22.52 -2.14 24.90
C SER B 50 23.43 -1.20 25.69
N ASP B 51 23.63 -1.52 26.96
CA ASP B 51 24.51 -0.77 27.85
C ASP B 51 25.68 -1.66 28.23
N ALA B 52 26.86 -1.36 27.67
CA ALA B 52 28.04 -2.18 27.95
C ALA B 52 28.44 -2.08 29.42
N ASP B 53 28.31 -0.89 30.01
CA ASP B 53 28.77 -0.70 31.39
C ASP B 53 27.97 -1.56 32.36
N CYS B 54 26.66 -1.63 32.18
CA CYS B 54 25.83 -2.40 33.11
C CYS B 54 26.16 -3.88 33.02
N VAL B 55 26.30 -4.41 31.80
CA VAL B 55 26.64 -5.82 31.65
C VAL B 55 28.04 -6.09 32.21
N GLU B 56 28.97 -5.15 32.01
CA GLU B 56 30.30 -5.32 32.57
C GLU B 56 30.27 -5.43 34.08
N LEU B 57 29.59 -4.48 34.74
CA LEU B 57 29.55 -4.51 36.20
C LEU B 57 28.75 -5.70 36.71
N LEU B 58 27.80 -6.20 35.93
CA LEU B 58 27.05 -7.38 36.34
C LEU B 58 27.90 -8.64 36.23
N LEU B 59 28.70 -8.77 35.17
CA LEU B 59 29.59 -9.91 35.03
C LEU B 59 30.78 -9.82 35.97
N GLU B 60 31.11 -8.61 36.45
CA GLU B 60 32.24 -8.47 37.37
C GLU B 60 31.97 -9.18 38.68
N LYS B 61 30.70 -9.32 39.06
CA LYS B 61 30.33 -10.00 40.29
C LYS B 61 30.05 -11.48 40.10
N GLY B 62 30.14 -11.98 38.87
CA GLY B 62 30.04 -13.40 38.61
C GLY B 62 28.71 -13.89 38.08
N ALA B 63 27.99 -13.07 37.31
CA ALA B 63 26.73 -13.52 36.75
C ALA B 63 26.96 -14.63 35.75
N GLU B 64 26.01 -15.56 35.66
CA GLU B 64 26.10 -16.68 34.74
C GLU B 64 25.84 -16.17 33.33
N VAL B 65 26.93 -15.91 32.59
CA VAL B 65 26.80 -15.27 31.29
C VAL B 65 26.03 -16.16 30.32
N ASN B 66 26.33 -17.45 30.32
CA ASN B 66 25.75 -18.37 29.33
C ASN B 66 24.38 -18.90 29.73
N ALA B 67 23.84 -18.46 30.86
CA ALA B 67 22.52 -18.92 31.27
C ALA B 67 21.47 -18.54 30.22
N LEU B 68 20.61 -19.49 29.89
CA LEU B 68 19.59 -19.28 28.88
C LEU B 68 18.32 -18.70 29.48
N ASP B 69 17.58 -17.94 28.68
CA ASP B 69 16.33 -17.33 29.10
C ASP B 69 15.15 -18.13 28.53
N GLY B 70 13.95 -17.59 28.72
CA GLY B 70 12.75 -18.31 28.29
C GLY B 70 12.69 -18.56 26.80
N TYR B 71 13.06 -17.57 26.00
CA TYR B 71 13.01 -17.69 24.55
C TYR B 71 14.11 -18.59 24.00
N ASN B 72 14.96 -19.14 24.85
CA ASN B 72 16.15 -19.90 24.43
C ASN B 72 17.21 -19.00 23.82
N ARG B 73 17.30 -17.76 24.29
CA ARG B 73 18.31 -16.82 23.86
C ARG B 73 19.37 -16.66 24.93
N THR B 74 20.54 -16.21 24.51
CA THR B 74 21.64 -15.89 25.41
C THR B 74 21.96 -14.41 25.29
N ALA B 75 22.48 -13.83 26.37
CA ALA B 75 22.75 -12.40 26.38
C ALA B 75 23.62 -12.00 25.21
N LEU B 76 24.47 -12.91 24.74
CA LEU B 76 25.27 -12.63 23.56
C LEU B 76 24.39 -12.40 22.33
N HIS B 77 23.27 -13.11 22.24
CA HIS B 77 22.37 -12.88 21.11
C HIS B 77 21.82 -11.46 21.12
N TYR B 78 21.46 -10.96 22.30
CA TYR B 78 20.96 -9.59 22.37
C TYR B 78 22.07 -8.58 22.09
N ALA B 79 23.26 -8.81 22.65
CA ALA B 79 24.36 -7.89 22.40
C ALA B 79 24.71 -7.84 20.93
N ALA B 80 24.68 -8.99 20.25
CA ALA B 80 25.07 -9.08 18.85
C ALA B 80 24.01 -8.53 17.92
N GLU B 81 22.88 -8.03 18.44
CA GLU B 81 21.88 -7.37 17.62
C GLU B 81 21.93 -5.86 17.73
N LYS B 82 22.54 -5.31 18.77
CA LYS B 82 22.52 -3.88 19.01
C LYS B 82 23.90 -3.25 18.94
N ASP B 83 24.86 -3.68 19.76
CA ASP B 83 26.08 -2.92 19.99
C ASP B 83 27.29 -3.84 20.00
N GLU B 84 28.39 -3.33 19.43
CA GLU B 84 29.65 -4.07 19.44
C GLU B 84 30.35 -3.99 20.79
N ALA B 85 30.27 -2.85 21.46
CA ALA B 85 30.94 -2.71 22.75
C ALA B 85 30.38 -3.72 23.76
N CYS B 86 29.05 -3.87 23.78
CA CYS B 86 28.45 -4.87 24.65
C CYS B 86 28.90 -6.27 24.26
N VAL B 87 29.03 -6.54 22.96
CA VAL B 87 29.48 -7.85 22.51
C VAL B 87 30.87 -8.14 23.04
N GLU B 88 31.78 -7.17 22.92
CA GLU B 88 33.14 -7.36 23.42
C GLU B 88 33.14 -7.56 24.93
N VAL B 89 32.38 -6.73 25.65
CA VAL B 89 32.33 -6.85 27.10
C VAL B 89 31.83 -8.23 27.50
N LEU B 90 30.79 -8.70 26.83
CA LEU B 90 30.22 -10.01 27.15
C LEU B 90 31.21 -11.13 26.84
N LEU B 91 31.90 -11.04 25.70
CA LEU B 91 32.90 -12.06 25.36
C LEU B 91 34.08 -12.03 26.30
N GLU B 92 34.31 -10.90 27.00
CA GLU B 92 35.45 -10.82 27.91
C GLU B 92 35.36 -11.83 29.04
N TYR B 93 34.19 -12.40 29.29
CA TYR B 93 33.95 -13.27 30.44
C TYR B 93 33.61 -14.70 30.01
N GLY B 94 34.33 -15.23 29.03
CA GLY B 94 34.21 -16.63 28.69
C GLY B 94 32.88 -17.04 28.11
N ALA B 95 32.14 -16.11 27.51
CA ALA B 95 30.88 -16.46 26.89
C ALA B 95 31.12 -17.34 25.67
N ASN B 96 30.13 -18.14 25.33
CA ASN B 96 30.23 -19.03 24.18
C ASN B 96 29.81 -18.28 22.91
N PRO B 97 30.74 -17.89 22.05
CA PRO B 97 30.35 -17.26 20.78
C PRO B 97 29.55 -18.17 19.87
N ASN B 98 29.48 -19.47 20.17
CA ASN B 98 28.66 -20.41 19.41
C ASN B 98 27.35 -20.73 20.10
N ALA B 99 27.00 -20.02 21.17
CA ALA B 99 25.79 -20.31 21.92
C ALA B 99 24.60 -20.43 20.99
N LEU B 100 24.01 -21.62 20.95
CA LEU B 100 22.88 -21.88 20.06
C LEU B 100 21.59 -21.37 20.67
N ASP B 101 20.77 -20.71 19.84
CA ASP B 101 19.47 -20.24 20.28
C ASP B 101 18.46 -21.37 20.15
N GLY B 102 17.17 -21.04 20.25
CA GLY B 102 16.14 -22.06 20.11
C GLY B 102 16.22 -22.80 18.79
N ASN B 103 16.61 -22.11 17.72
CA ASN B 103 16.71 -22.70 16.40
C ASN B 103 18.16 -22.85 15.94
N ARG B 104 19.11 -22.75 16.85
CA ARG B 104 20.54 -22.89 16.55
C ARG B 104 21.06 -21.73 15.71
N ASP B 105 20.51 -20.54 15.91
CA ASP B 105 20.99 -19.33 15.25
C ASP B 105 22.06 -18.71 16.14
N THR B 106 23.32 -18.95 15.81
CA THR B 106 24.41 -18.44 16.61
C THR B 106 24.43 -16.91 16.55
N PRO B 107 25.06 -16.26 17.53
CA PRO B 107 25.07 -14.79 17.54
C PRO B 107 25.61 -14.21 16.26
N LEU B 108 26.52 -14.92 15.59
CA LEU B 108 27.04 -14.44 14.31
C LEU B 108 25.92 -14.30 13.29
N HIS B 109 24.95 -15.21 13.29
CA HIS B 109 23.84 -15.12 12.35
C HIS B 109 23.07 -13.83 12.56
N TRP B 110 22.74 -13.49 13.81
CA TRP B 110 22.00 -12.27 14.07
C TRP B 110 22.83 -11.04 13.76
N ALA B 111 24.12 -11.05 14.10
CA ALA B 111 24.96 -9.92 13.79
C ALA B 111 25.01 -9.67 12.29
N ALA B 112 25.15 -10.75 11.50
CA ALA B 112 25.16 -10.59 10.05
C ALA B 112 23.82 -10.08 9.54
N PHE B 113 22.72 -10.65 10.03
CA PHE B 113 21.40 -10.24 9.54
C PHE B 113 21.15 -8.77 9.84
N LYS B 114 21.51 -8.33 11.04
CA LYS B 114 21.35 -6.93 11.44
C LYS B 114 22.33 -6.01 10.74
N ASN B 115 23.35 -6.56 10.08
CA ASN B 115 24.34 -5.79 9.34
C ASN B 115 25.33 -5.08 10.27
N ASN B 116 25.46 -5.54 11.50
CA ASN B 116 26.41 -4.95 12.44
C ASN B 116 27.80 -5.42 12.05
N ALA B 117 28.42 -4.68 11.12
CA ALA B 117 29.72 -5.08 10.61
C ALA B 117 30.74 -5.20 11.74
N GLU B 118 30.79 -4.20 12.62
CA GLU B 118 31.76 -4.26 13.71
C GLU B 118 31.50 -5.42 14.64
N CYS B 119 30.22 -5.70 14.94
CA CYS B 119 29.91 -6.83 15.80
C CYS B 119 30.30 -8.15 15.12
N VAL B 120 30.06 -8.27 13.83
CA VAL B 120 30.42 -9.49 13.11
C VAL B 120 31.93 -9.69 13.15
N ARG B 121 32.69 -8.62 12.92
CA ARG B 121 34.14 -8.71 12.99
C ARG B 121 34.60 -9.12 14.39
N ALA B 122 34.02 -8.50 15.42
CA ALA B 122 34.41 -8.83 16.78
C ALA B 122 34.13 -10.29 17.10
N LEU B 123 32.97 -10.79 16.69
CA LEU B 123 32.65 -12.20 16.92
C LEU B 123 33.63 -13.10 16.20
N LEU B 124 33.81 -12.90 14.89
CA LEU B 124 34.62 -13.81 14.10
C LEU B 124 36.06 -13.81 14.58
N GLU B 125 36.62 -12.64 14.87
CA GLU B 125 37.98 -12.57 15.37
C GLU B 125 38.12 -13.28 16.71
N SER B 126 37.02 -13.40 17.46
CA SER B 126 37.07 -14.00 18.79
C SER B 126 36.95 -15.51 18.78
N GLY B 127 36.66 -16.12 17.63
CA GLY B 127 36.61 -17.57 17.54
C GLY B 127 35.23 -18.12 17.22
N ALA B 128 34.43 -17.36 16.48
CA ALA B 128 33.13 -17.84 16.06
C ALA B 128 33.27 -18.75 14.85
N SER B 129 32.25 -19.58 14.63
CA SER B 129 32.22 -20.52 13.52
C SER B 129 31.60 -19.81 12.32
N VAL B 130 32.44 -19.40 11.37
CA VAL B 130 31.96 -18.65 10.21
C VAL B 130 31.11 -19.51 9.30
N ASN B 131 31.11 -20.83 9.49
CA ASN B 131 30.25 -21.74 8.74
C ASN B 131 29.18 -22.36 9.62
N ALA B 132 28.87 -21.74 10.76
CA ALA B 132 27.85 -22.28 11.64
C ALA B 132 26.54 -22.42 10.89
N LEU B 133 25.86 -23.55 11.13
CA LEU B 133 24.58 -23.83 10.50
C LEU B 133 23.49 -23.88 11.56
N ASP B 134 22.39 -23.20 11.32
CA ASP B 134 21.21 -23.31 12.16
C ASP B 134 20.37 -24.49 11.67
N TYR B 135 19.14 -24.62 12.18
CA TYR B 135 18.34 -25.78 11.85
C TYR B 135 17.94 -25.83 10.38
N ASN B 136 18.11 -24.73 9.64
CA ASN B 136 17.81 -24.69 8.22
C ASN B 136 19.06 -24.68 7.36
N ASN B 137 20.23 -24.91 7.94
CA ASN B 137 21.49 -24.88 7.20
C ASN B 137 21.70 -23.51 6.54
N ASP B 138 21.33 -22.45 7.25
CA ASP B 138 21.51 -21.08 6.78
C ASP B 138 22.77 -20.52 7.42
N THR B 139 23.89 -20.63 6.71
CA THR B 139 25.13 -20.05 7.19
C THR B 139 24.99 -18.54 7.25
N PRO B 140 25.74 -17.85 8.13
CA PRO B 140 25.57 -16.40 8.25
C PRO B 140 25.69 -15.67 6.93
N LEU B 141 26.56 -16.14 6.04
CA LEU B 141 26.67 -15.54 4.72
C LEU B 141 25.34 -15.62 3.98
N SER B 142 24.63 -16.73 4.13
CA SER B 142 23.34 -16.86 3.46
C SER B 142 22.38 -15.79 3.93
N TRP B 143 22.33 -15.54 5.24
CA TRP B 143 21.45 -14.52 5.77
C TRP B 143 21.86 -13.13 5.27
N ALA B 144 23.16 -12.82 5.37
CA ALA B 144 23.63 -11.51 4.93
C ALA B 144 23.28 -11.26 3.47
N ALA B 145 23.53 -12.26 2.61
CA ALA B 145 23.17 -12.11 1.21
C ALA B 145 21.66 -11.97 1.04
N MET B 146 20.88 -12.73 1.81
CA MET B 146 19.44 -12.65 1.72
C MET B 146 18.98 -11.22 1.94
N LYS B 147 19.49 -10.57 2.98
CA LYS B 147 19.19 -9.15 3.14
C LYS B 147 19.93 -8.29 2.14
N GLY B 148 21.07 -8.77 1.62
CA GLY B 148 21.78 -8.07 0.57
C GLY B 148 22.86 -7.11 1.04
N ASN B 149 22.91 -6.80 2.33
CA ASN B 149 23.91 -5.88 2.84
C ASN B 149 25.31 -6.30 2.38
N LEU B 150 26.23 -5.34 2.37
CA LEU B 150 27.56 -5.51 1.78
C LEU B 150 28.68 -5.60 2.81
N GLU B 151 28.67 -4.76 3.84
CA GLU B 151 29.79 -4.74 4.77
C GLU B 151 29.95 -6.11 5.44
N SER B 152 28.85 -6.69 5.90
CA SER B 152 28.92 -7.98 6.57
C SER B 152 29.38 -9.07 5.60
N VAL B 153 28.91 -9.02 4.35
CA VAL B 153 29.32 -10.03 3.38
C VAL B 153 30.82 -9.93 3.13
N SER B 154 31.33 -8.71 2.99
CA SER B 154 32.76 -8.53 2.79
C SER B 154 33.55 -9.06 3.97
N ILE B 155 33.12 -8.72 5.19
CA ILE B 155 33.84 -9.18 6.37
C ILE B 155 33.82 -10.69 6.45
N LEU B 156 32.67 -11.30 6.18
CA LEU B 156 32.59 -12.75 6.20
C LEU B 156 33.55 -13.36 5.18
N LEU B 157 33.51 -12.89 3.94
CA LEU B 157 34.38 -13.46 2.92
C LEU B 157 35.85 -13.27 3.28
N ASP B 158 36.19 -12.22 4.03
CA ASP B 158 37.57 -12.05 4.46
C ASP B 158 37.99 -13.16 5.41
N TYR B 159 37.04 -13.76 6.14
CA TYR B 159 37.34 -14.84 7.07
C TYR B 159 37.16 -16.22 6.45
N GLY B 160 36.78 -16.31 5.19
CA GLY B 160 36.70 -17.58 4.50
C GLY B 160 35.33 -18.21 4.44
N ALA B 161 34.26 -17.43 4.43
CA ALA B 161 32.94 -18.01 4.29
C ALA B 161 32.81 -18.71 2.94
N GLU B 162 32.11 -19.83 2.94
CA GLU B 162 31.95 -20.63 1.72
C GLU B 162 30.71 -20.15 0.99
N VAL B 163 30.91 -19.59 -0.20
CA VAL B 163 29.79 -19.03 -0.94
C VAL B 163 28.93 -20.13 -1.55
N ARG B 164 29.49 -21.31 -1.75
CA ARG B 164 28.74 -22.41 -2.35
C ARG B 164 27.81 -23.11 -1.37
N VAL B 165 27.63 -22.58 -0.16
CA VAL B 165 26.77 -23.22 0.81
C VAL B 165 25.33 -23.21 0.32
N ILE B 166 24.64 -24.33 0.49
CA ILE B 166 23.24 -24.47 0.12
C ILE B 166 22.45 -24.85 1.37
N ASN B 167 21.40 -24.07 1.66
CA ASN B 167 20.54 -24.37 2.78
C ASN B 167 19.59 -25.51 2.42
N LEU B 168 18.75 -25.91 3.38
CA LEU B 168 17.89 -27.06 3.17
C LEU B 168 16.90 -26.80 2.04
N ILE B 169 16.31 -25.60 1.99
CA ILE B 169 15.37 -25.30 0.92
C ILE B 169 16.07 -25.31 -0.43
N GLY B 170 17.29 -24.78 -0.50
CA GLY B 170 18.06 -24.81 -1.73
C GLY B 170 18.40 -23.44 -2.29
N GLN B 171 18.50 -22.45 -1.40
CA GLN B 171 18.83 -21.09 -1.81
C GLN B 171 20.28 -20.78 -1.47
N THR B 172 21.10 -20.62 -2.49
CA THR B 172 22.45 -20.13 -2.28
C THR B 172 22.41 -18.65 -1.95
N PRO B 173 23.47 -18.11 -1.34
CA PRO B 173 23.51 -16.66 -1.10
C PRO B 173 23.31 -15.87 -2.38
N ILE B 174 23.91 -16.31 -3.48
CA ILE B 174 23.77 -15.60 -4.74
C ILE B 174 22.33 -15.66 -5.24
N SER B 175 21.67 -16.81 -5.08
CA SER B 175 20.28 -16.92 -5.52
C SER B 175 19.39 -15.94 -4.76
N ARG B 176 19.57 -15.86 -3.44
CA ARG B 176 18.77 -14.93 -2.66
C ARG B 176 19.07 -13.48 -3.03
N LEU B 177 20.35 -13.16 -3.24
CA LEU B 177 20.68 -11.79 -3.64
C LEU B 177 20.08 -11.46 -5.00
N VAL B 178 20.09 -12.42 -5.93
CA VAL B 178 19.53 -12.17 -7.25
C VAL B 178 18.02 -11.99 -7.15
N ALA B 179 17.36 -12.76 -6.29
CA ALA B 179 15.93 -12.55 -6.07
C ALA B 179 15.68 -11.14 -5.54
N LEU B 180 16.48 -10.71 -4.57
CA LEU B 180 16.33 -9.37 -4.04
C LEU B 180 16.51 -8.32 -5.13
N LEU B 181 17.52 -8.51 -5.99
CA LEU B 181 17.73 -7.58 -7.10
C LEU B 181 16.52 -7.56 -8.03
N VAL B 182 15.95 -8.74 -8.30
CA VAL B 182 14.77 -8.82 -9.16
C VAL B 182 13.61 -8.07 -8.54
N ARG B 183 13.52 -8.06 -7.21
CA ARG B 183 12.43 -7.34 -6.55
C ARG B 183 12.47 -5.85 -6.84
N GLY B 184 13.59 -5.32 -7.33
CA GLY B 184 13.71 -3.92 -7.63
C GLY B 184 14.18 -3.06 -6.48
N LEU B 185 14.44 -3.65 -5.32
CA LEU B 185 14.98 -2.93 -4.18
C LEU B 185 16.50 -2.80 -4.23
N GLY B 186 17.14 -3.35 -5.25
CA GLY B 186 18.59 -3.37 -5.32
C GLY B 186 19.20 -2.09 -5.86
N THR B 187 19.93 -1.39 -5.01
CA THR B 187 20.64 -0.18 -5.38
C THR B 187 22.10 -0.53 -5.72
N GLU B 188 22.94 0.50 -5.85
CA GLU B 188 24.34 0.26 -6.15
C GLU B 188 25.01 -0.58 -5.07
N LYS B 189 24.58 -0.43 -3.82
CA LYS B 189 25.13 -1.27 -2.76
C LYS B 189 24.87 -2.74 -3.04
N GLU B 190 23.63 -3.08 -3.38
CA GLU B 190 23.30 -4.47 -3.68
C GLU B 190 24.03 -4.95 -4.92
N ASP B 191 24.18 -4.07 -5.92
CA ASP B 191 24.93 -4.47 -7.11
C ASP B 191 26.38 -4.78 -6.78
N SER B 192 27.01 -3.96 -5.93
CA SER B 192 28.38 -4.23 -5.53
C SER B 192 28.49 -5.51 -4.72
N CYS B 193 27.50 -5.77 -3.86
CA CYS B 193 27.51 -7.02 -3.11
C CYS B 193 27.40 -8.21 -4.04
N PHE B 194 26.55 -8.11 -5.07
CA PHE B 194 26.44 -9.17 -6.04
C PHE B 194 27.75 -9.36 -6.78
N GLU B 195 28.44 -8.25 -7.10
CA GLU B 195 29.73 -8.36 -7.76
C GLU B 195 30.72 -9.11 -6.88
N LEU B 196 30.75 -8.78 -5.58
CA LEU B 196 31.65 -9.47 -4.67
C LEU B 196 31.34 -10.96 -4.63
N LEU B 197 30.07 -11.31 -4.49
CA LEU B 197 29.69 -12.72 -4.43
C LEU B 197 30.07 -13.43 -5.72
N HIS B 198 29.80 -12.82 -6.88
CA HIS B 198 30.10 -13.47 -8.14
C HIS B 198 31.60 -13.68 -8.31
N ARG B 199 32.41 -12.71 -7.89
CA ARG B 199 33.86 -12.88 -7.97
C ARG B 199 34.33 -13.98 -7.02
N ALA B 200 33.74 -14.05 -5.82
CA ALA B 200 34.18 -15.06 -4.85
C ALA B 200 33.73 -16.45 -5.25
N VAL B 201 32.49 -16.60 -5.70
CA VAL B 201 31.95 -17.94 -5.97
C VAL B 201 32.72 -18.62 -7.08
N GLY B 202 33.32 -17.85 -7.99
CA GLY B 202 34.03 -18.43 -9.11
C GLY B 202 33.11 -18.73 -10.26
N HIS B 203 32.06 -19.52 -10.01
CA HIS B 203 31.08 -19.83 -11.03
C HIS B 203 29.79 -20.26 -10.37
N PHE B 204 28.66 -19.78 -10.89
CA PHE B 204 27.36 -20.09 -10.34
C PHE B 204 26.37 -20.27 -11.48
N GLU B 205 25.51 -21.27 -11.36
CA GLU B 205 24.52 -21.59 -12.39
C GLU B 205 23.14 -21.61 -11.75
N LEU B 206 22.36 -20.56 -12.01
CA LEU B 206 21.03 -20.43 -11.44
C LEU B 206 19.97 -21.20 -12.20
N ARG B 207 20.26 -21.67 -13.41
CA ARG B 207 19.24 -22.33 -14.20
C ARG B 207 18.76 -23.59 -13.51
N LYS B 208 17.45 -23.82 -13.56
CA LYS B 208 16.86 -25.11 -13.21
C LYS B 208 16.79 -25.93 -14.50
N ASN B 209 17.66 -26.92 -14.62
CA ASN B 209 17.84 -27.62 -15.88
C ASN B 209 18.18 -26.61 -16.96
N GLY B 210 17.28 -26.40 -17.92
CA GLY B 210 17.48 -25.41 -18.96
C GLY B 210 16.69 -24.13 -18.81
N THR B 211 16.11 -23.87 -17.64
CA THR B 211 15.23 -22.73 -17.44
C THR B 211 15.64 -21.95 -16.20
N MET B 212 15.60 -20.63 -16.31
CA MET B 212 15.87 -19.76 -15.17
C MET B 212 14.65 -19.68 -14.26
N PRO B 213 14.84 -19.26 -13.01
CA PRO B 213 13.69 -19.12 -12.12
C PRO B 213 12.68 -18.13 -12.67
N ARG B 214 11.40 -18.40 -12.39
CA ARG B 214 10.33 -17.63 -13.01
C ARG B 214 10.48 -16.14 -12.75
N GLU B 215 10.70 -15.76 -11.50
CA GLU B 215 10.75 -14.34 -11.18
C GLU B 215 11.88 -13.64 -11.91
N VAL B 216 12.96 -14.36 -12.23
CA VAL B 216 14.03 -13.79 -13.04
C VAL B 216 13.56 -13.60 -14.48
N ALA B 217 12.79 -14.56 -15.00
CA ALA B 217 12.42 -14.54 -16.41
C ALA B 217 11.60 -13.31 -16.78
N ARG B 218 11.00 -12.62 -15.81
CA ARG B 218 10.17 -11.47 -16.09
C ARG B 218 10.95 -10.16 -16.06
N ASP B 219 12.28 -10.22 -16.06
CA ASP B 219 13.13 -9.03 -16.11
C ASP B 219 14.12 -9.24 -17.25
N PRO B 220 13.72 -8.94 -18.49
CA PRO B 220 14.51 -9.41 -19.65
C PRO B 220 15.97 -9.00 -19.61
N GLN B 221 16.28 -7.76 -19.22
CA GLN B 221 17.69 -7.34 -19.22
C GLN B 221 18.49 -8.07 -18.15
N LEU B 222 17.93 -8.20 -16.95
CA LEU B 222 18.62 -8.94 -15.90
C LEU B 222 18.71 -10.42 -16.25
N CYS B 223 17.68 -10.96 -16.90
CA CYS B 223 17.75 -12.33 -17.36
C CYS B 223 18.87 -12.51 -18.38
N GLU B 224 19.03 -11.55 -19.29
CA GLU B 224 20.12 -11.62 -20.26
C GLU B 224 21.47 -11.58 -19.56
N LYS B 225 21.63 -10.68 -18.59
CA LYS B 225 22.89 -10.59 -17.87
C LYS B 225 23.20 -11.90 -17.15
N LEU B 226 22.20 -12.47 -16.48
CA LEU B 226 22.44 -13.72 -15.76
C LEU B 226 22.73 -14.86 -16.72
N THR B 227 22.05 -14.91 -17.86
CA THR B 227 22.32 -15.96 -18.83
C THR B 227 23.74 -15.87 -19.36
N VAL B 228 24.21 -14.65 -19.66
CA VAL B 228 25.57 -14.52 -20.18
C VAL B 228 26.58 -14.85 -19.10
N LEU B 229 26.30 -14.47 -17.85
CA LEU B 229 27.23 -14.80 -16.77
C LEU B 229 27.30 -16.31 -16.54
N CYS B 230 26.15 -16.99 -16.61
CA CYS B 230 26.12 -18.42 -16.31
C CYS B 230 26.67 -19.25 -17.47
N SER B 231 26.41 -18.84 -18.71
CA SER B 231 26.82 -19.66 -19.85
C SER B 231 28.33 -19.79 -19.92
N ALA B 232 29.06 -18.70 -19.67
CA ALA B 232 30.51 -18.74 -19.81
C ALA B 232 31.11 -19.74 -18.82
N PRO B 233 32.05 -20.58 -19.25
CA PRO B 233 32.71 -21.49 -18.30
C PRO B 233 33.40 -20.76 -17.17
N GLY B 234 33.98 -19.60 -17.42
CA GLY B 234 34.68 -18.85 -16.40
C GLY B 234 36.19 -18.84 -16.67
N THR B 235 36.79 -17.68 -16.45
CA THR B 235 38.22 -17.52 -16.71
C THR B 235 39.04 -18.41 -15.79
N LEU B 236 40.15 -18.93 -16.32
CA LEU B 236 41.02 -19.79 -15.53
C LEU B 236 41.48 -19.08 -14.25
N LYS B 237 41.73 -17.78 -14.34
CA LYS B 237 42.27 -17.06 -13.18
C LYS B 237 41.28 -17.10 -12.02
N THR B 238 39.99 -16.91 -12.30
CA THR B 238 39.00 -16.94 -11.23
C THR B 238 38.91 -18.34 -10.60
N LEU B 239 38.96 -19.39 -11.43
CA LEU B 239 38.93 -20.74 -10.88
C LEU B 239 40.12 -20.98 -9.96
N ALA B 240 41.32 -20.58 -10.40
CA ALA B 240 42.50 -20.77 -9.57
C ALA B 240 42.40 -19.97 -8.28
N ARG B 241 41.88 -18.73 -8.36
CA ARG B 241 41.71 -17.94 -7.14
C ARG B 241 40.77 -18.63 -6.18
N TYR B 242 39.66 -19.18 -6.69
CA TYR B 242 38.73 -19.86 -5.81
C TYR B 242 39.37 -21.08 -5.16
N ALA B 243 40.15 -21.84 -5.93
CA ALA B 243 40.83 -22.99 -5.35
C ALA B 243 41.78 -22.57 -4.24
N VAL B 244 42.54 -21.49 -4.47
CA VAL B 244 43.48 -21.02 -3.45
C VAL B 244 42.72 -20.57 -2.20
N ARG B 245 41.63 -19.83 -2.39
CA ARG B 245 40.85 -19.39 -1.24
C ARG B 245 40.30 -20.58 -0.47
N ARG B 246 39.79 -21.59 -1.17
CA ARG B 246 39.27 -22.76 -0.48
C ARG B 246 40.36 -23.45 0.32
N SER B 247 41.55 -23.56 -0.25
CA SER B 247 42.65 -24.18 0.48
C SER B 247 43.00 -23.37 1.73
N LEU B 248 43.02 -22.05 1.61
CA LEU B 248 43.33 -21.20 2.76
C LEU B 248 42.19 -21.09 3.75
N GLY B 249 41.00 -21.59 3.41
CA GLY B 249 39.79 -21.34 4.17
C GLY B 249 39.91 -21.44 5.68
N LEU B 250 39.01 -20.71 6.37
CA LEU B 250 38.95 -20.68 7.83
C LEU B 250 40.19 -20.01 8.42
N GLN B 251 40.56 -18.87 7.83
CA GLN B 251 41.64 -18.05 8.34
C GLN B 251 41.36 -16.60 7.94
N TYR B 252 42.05 -15.69 8.61
CA TYR B 252 41.99 -14.28 8.21
C TYR B 252 42.77 -14.16 6.92
N LEU B 253 42.05 -14.26 5.80
CA LEU B 253 42.70 -14.41 4.50
C LEU B 253 43.78 -13.38 4.22
N PRO B 254 43.58 -12.08 4.42
CA PRO B 254 44.67 -11.13 4.15
C PRO B 254 45.97 -11.50 4.85
N ASP B 255 45.90 -11.84 6.14
CA ASP B 255 47.10 -12.25 6.85
C ASP B 255 47.69 -13.51 6.23
N ALA B 256 46.84 -14.47 5.87
CA ALA B 256 47.33 -15.71 5.29
C ALA B 256 48.00 -15.46 3.94
N VAL B 257 47.36 -14.68 3.07
CA VAL B 257 47.91 -14.46 1.75
C VAL B 257 49.18 -13.63 1.82
N LYS B 258 49.32 -12.76 2.82
CA LYS B 258 50.55 -11.99 2.95
C LYS B 258 51.76 -12.91 3.01
N GLY B 259 51.60 -14.12 3.54
CA GLY B 259 52.70 -15.07 3.58
C GLY B 259 53.04 -15.68 2.25
N LEU B 260 52.12 -15.63 1.29
CA LEU B 260 52.38 -16.21 -0.03
C LEU B 260 53.39 -15.35 -0.79
N PRO B 261 54.08 -15.94 -1.77
CA PRO B 261 55.13 -15.22 -2.49
C PRO B 261 54.68 -14.50 -3.75
N LEU B 262 53.39 -14.39 -4.01
CA LEU B 262 52.90 -13.85 -5.27
C LEU B 262 53.06 -12.33 -5.34
N PRO B 263 53.03 -11.77 -6.54
CA PRO B 263 53.04 -10.31 -6.65
C PRO B 263 51.83 -9.69 -5.98
N ALA B 264 52.03 -8.49 -5.41
CA ALA B 264 50.96 -7.84 -4.66
C ALA B 264 49.69 -7.70 -5.49
N SER B 265 49.82 -7.56 -6.81
CA SER B 265 48.64 -7.52 -7.66
C SER B 265 47.83 -8.80 -7.53
N LEU B 266 48.50 -9.95 -7.59
CA LEU B 266 47.78 -11.20 -7.45
C LEU B 266 47.25 -11.41 -6.04
N LYS B 267 47.91 -10.84 -5.04
CA LYS B 267 47.36 -10.88 -3.68
C LYS B 267 46.04 -10.12 -3.63
N GLU B 268 46.02 -8.89 -4.16
CA GLU B 268 44.77 -8.15 -4.23
C GLU B 268 43.72 -8.92 -5.00
N TYR B 269 44.13 -9.61 -6.07
CA TYR B 269 43.20 -10.43 -6.82
C TYR B 269 42.62 -11.55 -5.95
N LEU B 270 43.46 -12.18 -5.13
CA LEU B 270 42.99 -13.23 -4.25
C LEU B 270 42.01 -12.70 -3.22
N LEU B 271 42.25 -11.50 -2.70
CA LEU B 271 41.33 -10.91 -1.73
C LEU B 271 40.09 -10.31 -2.37
N LEU B 272 39.84 -10.59 -3.65
CA LEU B 272 38.62 -10.14 -4.34
C LEU B 272 38.59 -8.63 -4.50
N LEU B 273 39.74 -8.04 -4.80
CA LEU B 273 39.82 -6.63 -5.14
C LEU B 273 39.78 -6.39 -6.64
N GLU B 274 39.64 -7.45 -7.44
CA GLU B 274 39.54 -7.32 -8.89
C GLU B 274 38.73 -8.47 -9.47
N TYR C 3 48.85 -26.13 -36.72
CA TYR C 3 48.78 -26.48 -35.31
C TYR C 3 49.84 -25.79 -34.49
N VAL C 4 49.39 -25.05 -33.49
CA VAL C 4 50.28 -24.33 -32.61
C VAL C 4 51.14 -25.33 -31.83
N LYS C 5 52.34 -24.89 -31.47
CA LYS C 5 53.28 -25.71 -30.72
C LYS C 5 53.74 -24.91 -29.51
N LEU C 6 53.64 -25.52 -28.33
CA LEU C 6 53.96 -24.86 -27.06
C LEU C 6 55.10 -25.60 -26.37
N ILE C 7 55.97 -24.83 -25.72
CA ILE C 7 57.14 -25.37 -25.04
C ILE C 7 57.12 -24.86 -23.61
N SER C 8 57.28 -25.77 -22.65
CA SER C 8 57.33 -25.40 -21.25
C SER C 8 58.72 -24.93 -20.86
N SER C 9 58.83 -24.38 -19.66
CA SER C 9 60.14 -23.97 -19.15
C SER C 9 61.11 -25.15 -19.17
N ASP C 10 60.71 -26.26 -18.57
CA ASP C 10 61.43 -27.51 -18.74
C ASP C 10 60.99 -28.19 -20.03
N GLY C 11 61.83 -29.10 -20.52
CA GLY C 11 61.59 -29.68 -21.83
C GLY C 11 60.30 -30.47 -21.90
N HIS C 12 59.30 -29.89 -22.55
CA HIS C 12 58.03 -30.56 -22.85
C HIS C 12 57.30 -29.82 -23.96
N GLU C 13 56.93 -30.55 -25.00
CA GLU C 13 56.30 -29.99 -26.20
C GLU C 13 54.82 -30.31 -26.16
N PHE C 14 53.99 -29.28 -25.99
CA PHE C 14 52.54 -29.42 -26.02
C PHE C 14 52.04 -28.87 -27.34
N ILE C 15 51.36 -29.71 -28.11
CA ILE C 15 50.79 -29.33 -29.40
C ILE C 15 49.27 -29.35 -29.26
N VAL C 16 48.65 -28.20 -29.46
CA VAL C 16 47.20 -28.06 -29.36
C VAL C 16 46.68 -27.54 -30.68
N LYS C 17 45.36 -27.64 -30.86
CA LYS C 17 44.75 -27.17 -32.08
C LYS C 17 44.80 -25.64 -32.15
N ARG C 18 44.85 -25.12 -33.37
CA ARG C 18 45.13 -23.71 -33.57
C ARG C 18 44.15 -22.84 -32.81
N GLU C 19 42.85 -23.08 -33.01
CA GLU C 19 41.84 -22.22 -32.40
C GLU C 19 41.92 -22.26 -30.88
N HIS C 20 42.13 -23.44 -30.30
CA HIS C 20 42.16 -23.56 -28.85
C HIS C 20 43.23 -22.67 -28.25
N ALA C 21 44.43 -22.67 -28.84
CA ALA C 21 45.49 -21.83 -28.33
C ALA C 21 45.15 -20.35 -28.44
N LEU C 22 44.28 -19.99 -29.40
CA LEU C 22 43.92 -18.60 -29.58
C LEU C 22 43.08 -18.06 -28.43
N THR C 23 42.59 -18.92 -27.55
CA THR C 23 41.80 -18.45 -26.42
C THR C 23 42.62 -17.49 -25.56
N SER C 24 43.88 -17.82 -25.32
CA SER C 24 44.74 -16.93 -24.54
C SER C 24 45.05 -15.67 -25.33
N GLY C 25 44.85 -14.51 -24.70
CA GLY C 25 45.21 -13.26 -25.36
C GLY C 25 46.71 -13.16 -25.60
N THR C 26 47.51 -13.55 -24.60
CA THR C 26 48.95 -13.48 -24.76
C THR C 26 49.42 -14.37 -25.89
N ILE C 27 48.86 -15.56 -26.01
CA ILE C 27 49.23 -16.46 -27.09
C ILE C 27 48.90 -15.82 -28.44
N LYS C 28 47.68 -15.26 -28.56
CA LYS C 28 47.28 -14.66 -29.82
C LYS C 28 48.19 -13.50 -30.19
N ALA C 29 48.51 -12.63 -29.22
CA ALA C 29 49.42 -11.53 -29.50
C ALA C 29 50.79 -12.04 -29.92
N MET C 30 51.30 -13.04 -29.21
CA MET C 30 52.57 -13.64 -29.59
C MET C 30 52.48 -14.29 -30.96
N LEU C 31 51.37 -14.96 -31.24
CA LEU C 31 51.19 -15.65 -32.51
C LEU C 31 50.74 -14.69 -33.59
N ASN C 43 54.77 -19.71 -35.15
CA ASN C 43 54.40 -21.12 -35.23
C ASN C 43 54.69 -21.82 -33.91
N GLU C 44 55.91 -21.67 -33.42
CA GLU C 44 56.33 -22.26 -32.16
C GLU C 44 56.36 -21.19 -31.08
N VAL C 45 55.66 -21.45 -29.97
CA VAL C 45 55.63 -20.56 -28.83
C VAL C 45 56.41 -21.22 -27.70
N ASN C 46 57.32 -20.47 -27.09
CA ASN C 46 58.19 -20.99 -26.06
C ASN C 46 57.99 -20.19 -24.77
N PHE C 47 58.01 -20.89 -23.64
CA PHE C 47 57.83 -20.29 -22.32
C PHE C 47 59.05 -20.56 -21.46
N ARG C 48 59.47 -19.54 -20.71
CA ARG C 48 60.65 -19.65 -19.87
C ARG C 48 60.33 -19.97 -18.41
N GLU C 49 59.06 -20.00 -18.02
CA GLU C 49 58.71 -20.09 -16.62
C GLU C 49 57.70 -21.19 -16.32
N ILE C 50 56.82 -21.48 -17.27
CA ILE C 50 55.72 -22.42 -17.03
C ILE C 50 56.30 -23.83 -16.92
N PRO C 51 56.09 -24.54 -15.81
CA PRO C 51 56.51 -25.94 -15.73
C PRO C 51 55.54 -26.83 -16.49
N SER C 52 56.00 -28.06 -16.74
CA SER C 52 55.26 -28.94 -17.64
C SER C 52 53.86 -29.24 -17.11
N HIS C 53 53.74 -29.56 -15.82
CA HIS C 53 52.43 -29.92 -15.29
C HIS C 53 51.46 -28.75 -15.36
N VAL C 54 51.94 -27.54 -15.04
CA VAL C 54 51.07 -26.36 -15.14
C VAL C 54 50.63 -26.16 -16.59
N LEU C 55 51.54 -26.37 -17.54
CA LEU C 55 51.18 -26.18 -18.94
C LEU C 55 50.16 -27.23 -19.39
N SER C 56 50.30 -28.47 -18.93
CA SER C 56 49.30 -29.48 -19.25
C SER C 56 47.95 -29.10 -18.67
N LYS C 57 47.93 -28.57 -17.45
CA LYS C 57 46.69 -28.08 -16.88
C LYS C 57 46.11 -26.95 -17.72
N VAL C 58 46.96 -26.05 -18.21
CA VAL C 58 46.50 -24.93 -19.01
C VAL C 58 45.88 -25.43 -20.31
N CYS C 59 46.50 -26.42 -20.94
CA CYS C 59 45.93 -27.00 -22.16
C CYS C 59 44.58 -27.66 -21.85
N MET C 60 44.50 -28.36 -20.71
CA MET C 60 43.21 -28.88 -20.29
C MET C 60 42.18 -27.76 -20.20
N TYR C 61 42.58 -26.62 -19.64
CA TYR C 61 41.66 -25.51 -19.50
C TYR C 61 41.22 -24.96 -20.84
N PHE C 62 42.15 -24.87 -21.79
CA PHE C 62 41.78 -24.37 -23.12
C PHE C 62 40.77 -25.28 -23.78
N THR C 63 41.01 -26.59 -23.72
CA THR C 63 40.07 -27.55 -24.30
C THR C 63 38.71 -27.44 -23.62
N TYR C 64 38.71 -27.36 -22.29
CA TYR C 64 37.46 -27.23 -21.53
C TYR C 64 36.72 -25.95 -21.92
N LYS C 65 37.45 -24.84 -22.02
CA LYS C 65 36.84 -23.55 -22.31
C LYS C 65 36.20 -23.56 -23.69
N VAL C 66 36.90 -24.06 -24.70
CA VAL C 66 36.31 -24.10 -26.03
C VAL C 66 35.12 -25.05 -26.05
N ARG C 67 35.24 -26.20 -25.37
CA ARG C 67 34.18 -27.19 -25.43
C ARG C 67 32.89 -26.67 -24.79
N TYR C 68 32.99 -26.01 -23.63
CA TYR C 68 31.83 -25.64 -22.85
C TYR C 68 31.46 -24.16 -22.99
N THR C 69 32.03 -23.46 -23.96
CA THR C 69 31.65 -22.06 -24.18
C THR C 69 30.24 -21.99 -24.74
N ASN C 70 29.48 -21.00 -24.26
CA ASN C 70 28.10 -20.80 -24.71
C ASN C 70 27.27 -22.08 -24.52
N SER C 71 27.50 -22.76 -23.40
CA SER C 71 26.77 -23.98 -23.13
C SER C 71 25.43 -23.67 -22.48
N SER C 72 24.51 -24.63 -22.58
CA SER C 72 23.19 -24.52 -21.98
C SER C 72 23.01 -25.43 -20.78
N THR C 73 23.64 -26.61 -20.78
CA THR C 73 23.53 -27.54 -19.68
C THR C 73 24.41 -27.09 -18.52
N GLU C 74 24.49 -27.91 -17.49
CA GLU C 74 25.35 -27.61 -16.35
C GLU C 74 26.81 -27.66 -16.77
N ILE C 75 27.62 -26.77 -16.23
CA ILE C 75 29.03 -26.65 -16.55
C ILE C 75 29.82 -27.38 -15.47
N PRO C 76 30.52 -28.47 -15.78
CA PRO C 76 31.32 -29.14 -14.75
C PRO C 76 32.44 -28.23 -14.27
N GLU C 77 32.76 -28.36 -12.99
CA GLU C 77 33.78 -27.52 -12.38
C GLU C 77 35.18 -28.01 -12.73
N PHE C 78 36.10 -27.08 -12.88
CA PHE C 78 37.46 -27.41 -13.24
C PHE C 78 38.18 -28.01 -12.04
N PRO C 79 38.71 -29.23 -12.13
CA PRO C 79 39.39 -29.83 -10.98
C PRO C 79 40.82 -29.33 -10.85
N ILE C 80 41.09 -28.60 -9.77
CA ILE C 80 42.42 -28.06 -9.49
C ILE C 80 42.89 -28.63 -8.16
N ALA C 81 44.02 -29.32 -8.18
CA ALA C 81 44.58 -29.80 -6.93
C ALA C 81 45.17 -28.63 -6.14
N PRO C 82 45.06 -28.63 -4.82
CA PRO C 82 45.52 -27.45 -4.05
C PRO C 82 46.98 -27.11 -4.28
N GLU C 83 47.84 -28.12 -4.44
CA GLU C 83 49.27 -27.83 -4.56
C GLU C 83 49.59 -27.04 -5.82
N ILE C 84 48.92 -27.36 -6.93
CA ILE C 84 49.18 -26.66 -8.20
C ILE C 84 48.30 -25.44 -8.38
N ALA C 85 47.35 -25.19 -7.48
CA ALA C 85 46.46 -24.06 -7.66
C ALA C 85 47.23 -22.75 -7.74
N LEU C 86 48.20 -22.56 -6.87
CA LEU C 86 48.97 -21.32 -6.87
C LEU C 86 49.75 -21.14 -8.17
N GLU C 87 50.46 -22.20 -8.58
CA GLU C 87 51.23 -22.11 -9.83
C GLU C 87 50.31 -21.92 -11.02
N LEU C 88 49.15 -22.57 -11.02
CA LEU C 88 48.21 -22.40 -12.10
C LEU C 88 47.70 -20.96 -12.16
N LEU C 89 47.43 -20.36 -10.99
CA LEU C 89 47.00 -18.97 -10.97
C LEU C 89 48.09 -18.07 -11.54
N MET C 90 49.35 -18.30 -11.15
CA MET C 90 50.43 -17.47 -11.68
C MET C 90 50.54 -17.62 -13.20
N ALA C 91 50.44 -18.85 -13.70
CA ALA C 91 50.52 -19.06 -15.14
C ALA C 91 49.37 -18.38 -15.87
N ALA C 92 48.16 -18.50 -15.33
CA ALA C 92 47.01 -17.84 -15.97
C ALA C 92 47.18 -16.33 -15.96
N ASN C 93 47.70 -15.78 -14.86
CA ASN C 93 47.94 -14.34 -14.81
C ASN C 93 48.95 -13.91 -15.85
N PHE C 94 50.03 -14.67 -16.01
CA PHE C 94 50.99 -14.38 -17.08
C PHE C 94 50.28 -14.38 -18.42
N LEU C 95 49.54 -15.45 -18.71
CA LEU C 95 48.69 -15.48 -19.89
C LEU C 95 47.52 -14.52 -19.70
N ASP C 96 46.64 -14.47 -20.70
CA ASP C 96 45.42 -13.66 -20.63
C ASP C 96 44.27 -14.57 -21.03
N CYS C 97 43.72 -15.28 -20.05
CA CYS C 97 42.65 -16.24 -20.31
C CYS C 97 41.41 -15.89 -19.49
N MET D 1 29.69 -39.60 -26.88
CA MET D 1 29.58 -38.75 -28.07
C MET D 1 30.94 -38.20 -28.45
N ASP D 2 31.49 -37.31 -27.62
CA ASP D 2 32.78 -36.68 -27.87
C ASP D 2 33.77 -37.15 -26.82
N VAL D 3 34.97 -37.52 -27.27
CA VAL D 3 36.03 -38.02 -26.41
C VAL D 3 37.25 -37.13 -26.59
N PHE D 4 37.86 -36.74 -25.47
CA PHE D 4 39.02 -35.86 -25.47
C PHE D 4 40.24 -36.63 -24.97
N LEU D 5 41.28 -36.66 -25.78
CA LEU D 5 42.43 -37.52 -25.55
C LEU D 5 43.67 -36.70 -25.28
N MET D 6 44.78 -37.41 -25.07
CA MET D 6 46.09 -36.82 -24.83
C MET D 6 47.15 -37.82 -25.28
N ILE D 7 47.72 -37.61 -26.45
CA ILE D 7 48.74 -38.49 -27.00
C ILE D 7 50.10 -37.97 -26.55
N ARG D 8 50.91 -38.86 -25.99
CA ARG D 8 52.19 -38.48 -25.40
C ARG D 8 53.29 -39.41 -25.87
N ARG D 9 54.51 -38.87 -25.92
CA ARG D 9 55.70 -39.65 -26.25
C ARG D 9 56.91 -38.84 -25.79
N HIS D 10 57.79 -39.48 -25.03
CA HIS D 10 58.92 -38.78 -24.42
C HIS D 10 58.42 -37.52 -23.74
N LYS D 11 58.78 -36.35 -24.29
CA LYS D 11 58.34 -35.07 -23.74
C LYS D 11 57.34 -34.38 -24.64
N THR D 12 56.81 -35.05 -25.64
CA THR D 12 55.88 -34.47 -26.60
C THR D 12 54.45 -34.89 -26.24
N THR D 13 53.52 -33.94 -26.33
CA THR D 13 52.13 -34.17 -26.02
C THR D 13 51.26 -33.57 -27.09
N ILE D 14 50.13 -34.21 -27.38
CA ILE D 14 49.18 -33.76 -28.38
C ILE D 14 47.79 -33.77 -27.78
N PHE D 15 47.03 -32.71 -28.02
CA PHE D 15 45.64 -32.61 -27.61
C PHE D 15 44.76 -32.67 -28.85
N THR D 16 43.73 -33.50 -28.80
CA THR D 16 42.87 -33.72 -29.96
C THR D 16 41.48 -34.10 -29.48
N ASP D 17 40.65 -34.53 -30.41
CA ASP D 17 39.30 -34.99 -30.12
C ASP D 17 38.91 -36.05 -31.12
N ALA D 18 37.93 -36.87 -30.74
CA ALA D 18 37.49 -37.97 -31.58
C ALA D 18 36.07 -38.35 -31.17
N LYS D 19 35.60 -39.48 -31.68
CA LYS D 19 34.28 -39.99 -31.37
C LYS D 19 34.37 -41.47 -31.03
N GLU D 20 33.47 -41.93 -30.17
CA GLU D 20 33.52 -43.32 -29.73
C GLU D 20 33.42 -44.29 -30.90
N SER D 21 32.49 -44.02 -31.82
CA SER D 21 32.37 -44.85 -33.00
C SER D 21 33.63 -44.83 -33.85
N SER D 22 34.43 -43.77 -33.75
CA SER D 22 35.65 -43.67 -34.54
C SER D 22 36.61 -44.80 -34.18
N THR D 23 37.30 -45.30 -35.20
CA THR D 23 38.28 -46.36 -35.02
C THR D 23 39.65 -45.76 -34.68
N VAL D 24 40.56 -46.65 -34.26
CA VAL D 24 41.92 -46.22 -33.95
C VAL D 24 42.63 -45.72 -35.19
N PHE D 25 42.19 -46.13 -36.39
CA PHE D 25 42.89 -45.75 -37.61
C PHE D 25 42.89 -44.24 -37.80
N GLU D 26 41.74 -43.58 -37.56
CA GLU D 26 41.69 -42.14 -37.74
C GLU D 26 42.52 -41.40 -36.69
N LEU D 27 42.56 -41.92 -35.46
CA LEU D 27 43.47 -41.35 -34.48
C LEU D 27 44.91 -41.47 -34.94
N LYS D 28 45.27 -42.61 -35.52
CA LYS D 28 46.59 -42.77 -36.09
C LYS D 28 46.83 -41.77 -37.21
N ARG D 29 45.82 -41.53 -38.04
CA ARG D 29 45.97 -40.56 -39.12
C ARG D 29 46.17 -39.14 -38.59
N ILE D 30 45.49 -38.80 -37.50
CA ILE D 30 45.76 -37.52 -36.85
C ILE D 30 47.19 -37.48 -36.34
N VAL D 31 47.66 -38.58 -35.75
CA VAL D 31 49.05 -38.66 -35.34
C VAL D 31 49.96 -38.37 -36.53
N GLU D 32 49.64 -38.95 -37.69
CA GLU D 32 50.37 -38.62 -38.90
C GLU D 32 50.35 -37.12 -39.14
N GLY D 33 49.16 -36.54 -39.14
CA GLY D 33 49.02 -35.14 -39.51
C GLY D 33 49.89 -34.25 -38.64
N ILE D 34 50.00 -34.57 -37.35
CA ILE D 34 50.79 -33.70 -36.49
C ILE D 34 52.28 -34.05 -36.57
N LEU D 35 52.62 -35.32 -36.83
CA LEU D 35 54.01 -35.77 -36.76
C LEU D 35 54.59 -36.21 -38.09
N LYS D 36 53.76 -36.65 -39.04
CA LYS D 36 54.24 -37.05 -40.36
C LYS D 36 55.20 -38.24 -40.27
N ARG D 37 54.70 -39.32 -39.68
CA ARG D 37 55.43 -40.59 -39.63
C ARG D 37 54.45 -41.69 -39.98
N PRO D 38 54.67 -42.44 -41.07
CA PRO D 38 53.61 -43.30 -41.62
C PRO D 38 52.91 -44.13 -40.57
N PRO D 39 51.62 -44.45 -40.77
CA PRO D 39 50.88 -45.20 -39.75
C PRO D 39 51.50 -46.54 -39.40
N ASP D 40 52.03 -47.26 -40.38
CA ASP D 40 52.64 -48.56 -40.10
C ASP D 40 53.81 -48.45 -39.14
N GLU D 41 54.39 -47.26 -39.00
CA GLU D 41 55.48 -47.02 -38.07
C GLU D 41 54.98 -46.52 -36.71
N GLN D 42 53.67 -46.46 -36.50
CA GLN D 42 53.08 -45.94 -35.27
C GLN D 42 52.22 -47.01 -34.62
N ARG D 43 52.34 -47.15 -33.31
CA ARG D 43 51.50 -48.04 -32.51
C ARG D 43 51.08 -47.31 -31.25
N LEU D 44 49.79 -47.36 -30.93
CA LEU D 44 49.24 -46.66 -29.79
C LEU D 44 49.17 -47.59 -28.58
N TYR D 45 49.52 -47.07 -27.42
CA TYR D 45 49.51 -47.82 -26.17
C TYR D 45 48.64 -47.09 -25.16
N LYS D 46 47.67 -47.80 -24.59
CA LYS D 46 46.88 -47.30 -23.47
C LYS D 46 47.37 -48.02 -22.23
N ASP D 47 47.75 -47.26 -21.21
CA ASP D 47 48.22 -47.76 -19.92
C ASP D 47 48.96 -49.08 -20.08
N ASP D 48 49.93 -49.11 -21.01
CA ASP D 48 50.78 -50.27 -21.25
C ASP D 48 50.01 -51.43 -21.87
N GLN D 49 49.04 -51.12 -22.74
CA GLN D 49 48.30 -52.13 -23.47
C GLN D 49 48.26 -51.76 -24.95
N LEU D 50 48.42 -52.77 -25.81
CA LEU D 50 48.42 -52.56 -27.24
C LEU D 50 47.00 -52.29 -27.74
N LEU D 51 46.89 -51.47 -28.78
CA LEU D 51 45.61 -51.14 -29.40
C LEU D 51 45.66 -51.52 -30.87
N ASP D 52 44.56 -52.06 -31.37
CA ASP D 52 44.46 -52.43 -32.77
C ASP D 52 43.91 -51.27 -33.59
N ASP D 53 44.41 -51.15 -34.83
CA ASP D 53 43.94 -50.09 -35.71
C ASP D 53 42.47 -50.27 -36.07
N GLY D 54 42.07 -51.50 -36.42
CA GLY D 54 40.70 -51.73 -36.83
C GLY D 54 39.72 -51.69 -35.67
N LYS D 55 40.18 -51.98 -34.45
CA LYS D 55 39.32 -51.95 -33.29
C LYS D 55 38.80 -50.54 -33.07
N THR D 56 37.49 -50.41 -32.84
CA THR D 56 36.90 -49.11 -32.61
C THR D 56 37.39 -48.50 -31.30
N LEU D 57 37.48 -47.17 -31.29
CA LEU D 57 37.87 -46.49 -30.05
C LEU D 57 36.79 -46.65 -28.98
N GLY D 58 35.52 -46.62 -29.39
CA GLY D 58 34.44 -46.69 -28.41
C GLY D 58 34.51 -47.96 -27.59
N GLU D 59 34.70 -49.10 -28.24
CA GLU D 59 34.77 -50.36 -27.52
C GLU D 59 36.02 -50.46 -26.64
N CYS D 60 37.01 -49.61 -26.88
CA CYS D 60 38.19 -49.57 -26.02
C CYS D 60 37.86 -48.86 -24.72
N GLY D 61 38.83 -48.80 -23.81
CA GLY D 61 38.62 -48.22 -22.50
C GLY D 61 38.53 -46.71 -22.54
N PHE D 62 37.55 -46.19 -23.29
CA PHE D 62 37.35 -44.75 -23.39
C PHE D 62 35.87 -44.47 -23.55
N THR D 63 35.36 -43.55 -22.73
CA THR D 63 33.97 -43.13 -22.79
C THR D 63 33.88 -41.64 -22.50
N SER D 64 32.79 -41.03 -22.97
CA SER D 64 32.62 -39.59 -22.77
C SER D 64 32.74 -39.22 -21.30
N GLN D 65 32.09 -39.97 -20.42
CA GLN D 65 32.22 -39.72 -18.99
C GLN D 65 33.64 -39.96 -18.52
N THR D 66 34.29 -40.99 -19.03
CA THR D 66 35.64 -41.34 -18.58
C THR D 66 36.70 -40.38 -19.10
N ALA D 67 36.43 -39.66 -20.18
CA ALA D 67 37.43 -38.87 -20.88
C ALA D 67 36.96 -37.43 -21.04
N ARG D 68 36.49 -36.83 -19.95
CA ARG D 68 36.03 -35.46 -20.00
C ARG D 68 37.19 -34.52 -20.30
N PRO D 69 36.93 -33.35 -20.90
CA PRO D 69 38.04 -32.47 -21.29
C PRO D 69 38.94 -32.09 -20.13
N GLN D 70 38.36 -31.83 -18.96
CA GLN D 70 39.18 -31.44 -17.82
C GLN D 70 40.02 -32.59 -17.29
N ALA D 71 39.77 -33.82 -17.75
CA ALA D 71 40.55 -34.98 -17.33
C ALA D 71 40.65 -35.95 -18.50
N PRO D 72 41.43 -35.60 -19.52
CA PRO D 72 41.58 -36.50 -20.66
C PRO D 72 42.35 -37.76 -20.28
N ALA D 73 42.09 -38.82 -21.03
CA ALA D 73 42.72 -40.12 -20.80
C ALA D 73 44.04 -40.17 -21.56
N THR D 74 45.14 -40.26 -20.83
CA THR D 74 46.45 -40.32 -21.46
C THR D 74 46.56 -41.55 -22.34
N VAL D 75 47.22 -41.40 -23.47
CA VAL D 75 47.46 -42.50 -24.41
C VAL D 75 48.95 -42.52 -24.74
N GLY D 76 49.58 -43.68 -24.60
CA GLY D 76 51.00 -43.80 -24.90
C GLY D 76 51.24 -43.88 -26.40
N LEU D 77 52.34 -43.29 -26.83
CA LEU D 77 52.74 -43.28 -28.23
C LEU D 77 54.21 -43.65 -28.35
N ALA D 78 54.52 -44.49 -29.33
CA ALA D 78 55.89 -44.93 -29.58
C ALA D 78 56.19 -44.84 -31.07
N PHE D 79 57.42 -44.45 -31.37
CA PHE D 79 57.88 -44.32 -32.76
C PHE D 79 58.66 -45.57 -33.16
N ARG D 80 58.22 -46.20 -34.24
CA ARG D 80 58.96 -47.31 -34.81
C ARG D 80 60.17 -46.77 -35.56
N ALA D 81 61.34 -47.35 -35.31
CA ALA D 81 62.58 -46.90 -35.91
C ALA D 81 63.37 -48.10 -36.44
N ASP D 82 64.09 -47.87 -37.53
CA ASP D 82 64.96 -48.88 -38.14
C ASP D 82 64.36 -50.27 -38.07
N ASP D 83 63.09 -50.37 -38.46
CA ASP D 83 62.39 -51.65 -38.57
C ASP D 83 62.23 -52.33 -37.20
N THR D 84 61.86 -51.55 -36.20
CA THR D 84 61.52 -52.12 -34.90
C THR D 84 60.85 -51.03 -34.06
N PHE D 85 60.01 -51.46 -33.12
CA PHE D 85 59.26 -50.54 -32.28
C PHE D 85 60.09 -50.17 -31.06
N GLU D 86 60.21 -48.86 -30.81
CA GLU D 86 60.95 -48.40 -29.65
C GLU D 86 60.16 -48.69 -28.36
N ALA D 87 60.87 -48.61 -27.24
CA ALA D 87 60.21 -48.80 -25.96
C ALA D 87 59.26 -47.64 -25.67
N LEU D 88 58.23 -47.92 -24.88
CA LEU D 88 57.22 -46.92 -24.57
C LEU D 88 57.78 -45.91 -23.57
N CYS D 89 58.70 -45.07 -24.02
CA CYS D 89 59.35 -44.09 -23.15
C CYS D 89 58.42 -42.88 -22.99
N ILE D 90 57.74 -42.81 -21.86
CA ILE D 90 56.86 -41.70 -21.52
C ILE D 90 57.50 -40.92 -20.38
N GLU D 91 57.70 -39.62 -20.59
CA GLU D 91 58.34 -38.78 -19.59
C GLU D 91 57.27 -38.17 -18.69
N PRO D 92 57.20 -38.53 -17.41
CA PRO D 92 56.23 -37.90 -16.53
C PRO D 92 56.51 -36.41 -16.35
N PHE D 93 55.44 -35.65 -16.14
CA PHE D 93 55.57 -34.22 -15.94
C PHE D 93 56.31 -33.93 -14.64
N SER D 94 56.85 -32.72 -14.54
CA SER D 94 57.60 -32.33 -13.37
C SER D 94 56.71 -32.37 -12.13
N SER D 95 57.29 -32.78 -11.01
CA SER D 95 56.53 -32.86 -9.78
C SER D 95 56.17 -31.45 -9.28
N PRO D 96 54.99 -31.27 -8.71
CA PRO D 96 54.62 -29.95 -8.19
C PRO D 96 55.45 -29.60 -6.97
N PRO D 97 55.62 -28.31 -6.68
CA PRO D 97 56.40 -27.92 -5.51
C PRO D 97 55.68 -28.26 -4.22
N GLU D 98 56.45 -28.29 -3.13
CA GLU D 98 55.88 -28.62 -1.83
C GLU D 98 54.83 -27.59 -1.43
N LEU D 99 53.77 -28.07 -0.80
CA LEU D 99 52.67 -27.20 -0.41
C LEU D 99 53.12 -26.24 0.68
N PRO D 100 52.88 -24.94 0.53
CA PRO D 100 53.28 -23.99 1.59
C PRO D 100 52.52 -24.24 2.88
N ASP D 101 53.17 -23.91 3.99
CA ASP D 101 52.62 -24.24 5.31
C ASP D 101 51.28 -23.54 5.54
N VAL D 102 51.18 -22.26 5.18
CA VAL D 102 49.97 -21.51 5.47
C VAL D 102 48.76 -22.17 4.81
N MET D 103 48.94 -22.66 3.60
CA MET D 103 47.86 -23.28 2.84
C MET D 103 47.63 -24.73 3.23
N LYS D 104 48.49 -25.31 4.07
CA LYS D 104 48.36 -26.72 4.40
C LYS D 104 47.01 -26.98 5.08
N PRO D 105 46.38 -28.12 4.80
CA PRO D 105 45.12 -28.44 5.49
C PRO D 105 45.31 -28.52 6.99
N GLN D 106 44.29 -28.11 7.72
CA GLN D 106 44.32 -28.14 9.18
C GLN D 106 43.37 -29.20 9.73
F19 K85 E . 2.66 -6.57 -0.65
C17 K85 E . 2.63 -7.60 -1.48
F20 K85 E . 2.58 -7.08 -2.70
F18 K85 E . 1.44 -8.18 -1.29
C13 K85 E . 3.77 -8.54 -1.29
C14 K85 E . 3.65 -9.62 -0.44
C12 K85 E . 4.96 -8.34 -1.95
C11 K85 E . 6.02 -9.22 -1.78
O15 K85 E . 7.23 -9.05 -2.41
C16 K85 E . 7.43 -7.86 -3.18
C10 K85 E . 5.89 -10.31 -0.93
C9 K85 E . 4.70 -10.52 -0.27
C6 K85 E . 4.54 -11.67 0.65
N7 K85 E . 3.65 -11.70 1.67
C8 K85 E . 3.81 -12.89 2.24
N5 K85 E . 5.20 -12.81 0.55
N4 K85 E . 4.73 -13.58 1.56
C3 K85 E . 5.24 -14.93 1.78
C2 K85 E . 4.45 -15.96 1.01
C1 K85 E . 3.02 -15.54 0.74
O K85 E . 2.71 -14.75 -0.12
O1' K85 E . 2.13 -16.14 1.54
C2' K85 E . 0.72 -15.87 1.31
C4' K85 E . 0.33 -16.57 0.02
C3' K85 E . -0.05 -16.36 2.51
#